data_6MXX
#
_entry.id   6MXX
#
_cell.length_a   68.940
_cell.length_b   159.430
_cell.length_c   181.190
_cell.angle_alpha   90.00
_cell.angle_beta   90.00
_cell.angle_gamma   90.00
#
_symmetry.space_group_name_H-M   'P 21 21 21'
#
loop_
_entity.id
_entity.type
_entity.pdbx_description
1 polymer 'TP53-binding protein 1'
2 non-polymer 'PHOSPHATE ION'
3 non-polymer N-[3-(tert-butylamino)propyl]-3-iodobenzamide
4 non-polymer 'FORMIC ACID'
5 water water
#
_entity_poly.entity_id   1
_entity_poly.type   'polypeptide(L)'
_entity_poly.pdbx_seq_one_letter_code
;GHMNSFVGLRVVAKWSSNGYFYSGKITRDVGAGKYKLLFDDGYECDVLGKDILLCDPIPLDTEVTALSEDEYFSAGVVKG
HRKESGELYYSIEKEGQRKWYKRMAVILSLEQGNRLREQYGLG
;
_entity_poly.pdbx_strand_id   A,B,C,D,E,F,G,H,I,J
#
# COMPACT_ATOMS: atom_id res chain seq x y z
N ASN A 4 -49.37 -32.27 -8.17
CA ASN A 4 -48.60 -31.69 -7.08
C ASN A 4 -47.13 -31.57 -7.45
N SER A 5 -46.73 -30.41 -7.93
CA SER A 5 -45.36 -30.14 -8.36
C SER A 5 -44.81 -28.94 -7.62
N PHE A 6 -43.50 -28.74 -7.73
CA PHE A 6 -42.81 -27.65 -7.06
C PHE A 6 -42.52 -26.47 -7.99
N VAL A 7 -42.68 -26.64 -9.31
CA VAL A 7 -42.34 -25.57 -10.23
C VAL A 7 -43.26 -24.38 -9.99
N GLY A 8 -42.67 -23.18 -9.99
CA GLY A 8 -43.41 -21.95 -9.77
C GLY A 8 -43.47 -21.50 -8.33
N LEU A 9 -43.10 -22.34 -7.37
CA LEU A 9 -43.17 -21.97 -5.97
C LEU A 9 -41.95 -21.18 -5.55
N ARG A 10 -42.16 -20.17 -4.70
CA ARG A 10 -41.06 -19.38 -4.18
C ARG A 10 -40.38 -20.13 -3.04
N VAL A 11 -39.07 -19.90 -2.91
CA VAL A 11 -38.24 -20.63 -1.96
C VAL A 11 -37.10 -19.72 -1.49
N VAL A 12 -36.34 -20.22 -0.52
CA VAL A 12 -35.05 -19.66 -0.15
C VAL A 12 -34.05 -20.81 -0.28
N ALA A 13 -32.98 -20.58 -1.04
N ALA A 13 -32.98 -20.60 -1.03
CA ALA A 13 -32.07 -21.65 -1.45
CA ALA A 13 -32.10 -21.70 -1.39
C ALA A 13 -30.62 -21.26 -1.20
C ALA A 13 -30.64 -21.26 -1.38
N LYS A 14 -29.84 -22.22 -0.72
N LYS A 14 -29.78 -22.23 -1.08
CA LYS A 14 -28.45 -21.98 -0.35
CA LYS A 14 -28.33 -22.08 -1.13
C LYS A 14 -27.59 -21.71 -1.58
C LYS A 14 -27.82 -22.66 -2.45
N TRP A 15 -26.47 -21.02 -1.36
N TRP A 15 -26.83 -21.98 -3.05
CA TRP A 15 -25.60 -20.59 -2.44
CA TRP A 15 -26.40 -22.32 -4.40
C TRP A 15 -24.25 -21.29 -2.48
C TRP A 15 -24.88 -22.37 -4.58
N SER A 16 -23.83 -21.94 -1.39
N SER A 16 -24.10 -22.03 -3.57
CA SER A 16 -22.64 -22.78 -1.36
CA SER A 16 -22.64 -22.06 -3.71
C SER A 16 -21.36 -21.97 -1.15
C SER A 16 -21.96 -22.54 -2.43
N SER A 17 -21.14 -20.96 -2.00
N SER A 17 -21.01 -21.76 -1.89
CA SER A 17 -19.90 -20.18 -1.88
CA SER A 17 -20.17 -22.22 -0.80
C SER A 17 -19.78 -19.55 -0.51
C SER A 17 -20.21 -21.28 0.39
N ASN A 18 -20.89 -19.04 0.04
N ASN A 18 -20.46 -19.99 0.16
CA ASN A 18 -20.89 -18.47 1.38
CA ASN A 18 -20.54 -19.04 1.27
C ASN A 18 -21.81 -19.17 2.36
C ASN A 18 -21.52 -19.53 2.32
N GLY A 19 -22.63 -20.12 1.89
CA GLY A 19 -23.53 -20.81 2.79
C GLY A 19 -24.84 -20.13 3.06
N TYR A 20 -25.19 -19.08 2.33
CA TYR A 20 -26.38 -18.29 2.63
C TYR A 20 -27.53 -18.64 1.72
N PHE A 21 -28.75 -18.65 2.28
CA PHE A 21 -29.96 -18.93 1.54
C PHE A 21 -30.57 -17.63 1.05
N TYR A 22 -30.92 -17.57 -0.23
CA TYR A 22 -31.44 -16.36 -0.86
C TYR A 22 -32.81 -16.61 -1.47
N SER A 23 -33.60 -15.54 -1.56
CA SER A 23 -34.96 -15.64 -2.07
C SER A 23 -34.95 -15.95 -3.56
N GLY A 24 -35.73 -16.94 -3.96
CA GLY A 24 -35.79 -17.35 -5.34
C GLY A 24 -37.07 -18.08 -5.66
N LYS A 25 -37.05 -18.77 -6.80
CA LYS A 25 -38.25 -19.40 -7.33
C LYS A 25 -37.85 -20.62 -8.16
N ILE A 26 -38.52 -21.74 -7.94
CA ILE A 26 -38.26 -22.94 -8.74
C ILE A 26 -38.89 -22.75 -10.11
N THR A 27 -38.07 -22.85 -11.16
CA THR A 27 -38.54 -22.70 -12.52
C THR A 27 -38.60 -24.00 -13.29
N ARG A 28 -37.92 -25.04 -12.84
CA ARG A 28 -37.88 -26.28 -13.61
C ARG A 28 -37.31 -27.39 -12.73
N ASP A 29 -37.83 -28.60 -12.95
CA ASP A 29 -37.27 -29.81 -12.34
C ASP A 29 -36.25 -30.40 -13.32
N VAL A 30 -34.98 -30.43 -12.90
CA VAL A 30 -33.90 -30.91 -13.77
C VAL A 30 -33.47 -32.33 -13.44
N GLY A 31 -34.11 -32.96 -12.45
CA GLY A 31 -33.84 -34.35 -12.14
C GLY A 31 -32.67 -34.54 -11.19
N ALA A 32 -32.54 -35.77 -10.71
CA ALA A 32 -31.45 -36.14 -9.81
C ALA A 32 -31.47 -35.27 -8.55
N GLY A 33 -32.65 -35.01 -8.03
CA GLY A 33 -32.79 -34.19 -6.85
C GLY A 33 -32.37 -32.74 -7.02
N LYS A 34 -32.20 -32.27 -8.25
CA LYS A 34 -31.80 -30.90 -8.52
C LYS A 34 -32.98 -30.13 -9.10
N TYR A 35 -32.98 -28.81 -8.89
CA TYR A 35 -34.01 -27.95 -9.43
C TYR A 35 -33.36 -26.71 -10.02
N LYS A 36 -33.89 -26.25 -11.16
CA LYS A 36 -33.49 -24.95 -11.68
C LYS A 36 -34.14 -23.86 -10.84
N LEU A 37 -33.32 -22.93 -10.35
N LEU A 37 -33.34 -22.89 -10.41
CA LEU A 37 -33.79 -21.87 -9.46
CA LEU A 37 -33.79 -21.87 -9.46
C LEU A 37 -33.49 -20.52 -10.09
C LEU A 37 -33.46 -20.49 -9.98
N LEU A 38 -34.48 -19.63 -10.05
CA LEU A 38 -34.32 -18.24 -10.47
C LEU A 38 -34.33 -17.37 -9.22
N PHE A 39 -33.17 -16.82 -8.87
CA PHE A 39 -33.10 -15.91 -7.74
C PHE A 39 -33.70 -14.55 -8.11
N ASP A 40 -34.12 -13.81 -7.08
CA ASP A 40 -34.81 -12.55 -7.30
C ASP A 40 -33.96 -11.54 -8.07
N ASP A 41 -32.64 -11.71 -8.08
CA ASP A 41 -31.77 -10.81 -8.83
C ASP A 41 -31.68 -11.16 -10.30
N GLY A 42 -32.32 -12.24 -10.74
CA GLY A 42 -32.31 -12.63 -12.13
C GLY A 42 -31.33 -13.70 -12.51
N TYR A 43 -30.51 -14.17 -11.56
CA TYR A 43 -29.57 -15.24 -11.84
C TYR A 43 -30.26 -16.58 -11.72
N GLU A 44 -30.02 -17.47 -12.69
CA GLU A 44 -30.68 -18.77 -12.74
C GLU A 44 -29.62 -19.86 -12.79
N CYS A 45 -29.81 -20.90 -11.98
CA CYS A 45 -28.88 -22.02 -11.94
C CYS A 45 -29.55 -23.21 -11.26
N ASP A 46 -28.90 -24.36 -11.35
CA ASP A 46 -29.39 -25.59 -10.74
C ASP A 46 -28.92 -25.66 -9.29
N VAL A 47 -29.79 -26.17 -8.43
CA VAL A 47 -29.52 -26.24 -6.99
C VAL A 47 -30.09 -27.54 -6.46
N LEU A 48 -29.36 -28.16 -5.53
CA LEU A 48 -29.81 -29.40 -4.93
C LEU A 48 -31.03 -29.18 -4.05
N GLY A 49 -31.91 -30.17 -4.02
CA GLY A 49 -33.14 -30.04 -3.25
C GLY A 49 -32.89 -29.87 -1.77
N LYS A 50 -31.85 -30.52 -1.25
CA LYS A 50 -31.54 -30.40 0.17
C LYS A 50 -31.09 -29.00 0.54
N ASP A 51 -30.73 -28.17 -0.45
CA ASP A 51 -30.35 -26.79 -0.22
C ASP A 51 -31.48 -25.82 -0.50
N ILE A 52 -32.71 -26.31 -0.67
CA ILE A 52 -33.87 -25.49 -0.96
C ILE A 52 -34.83 -25.57 0.21
N LEU A 53 -35.32 -24.43 0.66
CA LEU A 53 -36.32 -24.33 1.72
C LEU A 53 -37.63 -23.84 1.12
N LEU A 54 -38.69 -24.64 1.27
N LEU A 54 -38.68 -24.66 1.24
CA LEU A 54 -40.01 -24.28 0.73
CA LEU A 54 -40.02 -24.30 0.77
C LEU A 54 -40.68 -23.30 1.68
C LEU A 54 -40.64 -23.32 1.76
N CYS A 55 -40.14 -22.09 1.72
CA CYS A 55 -40.61 -21.01 2.59
C CYS A 55 -41.13 -19.86 1.74
N ASP A 56 -42.42 -19.58 1.85
CA ASP A 56 -43.03 -18.44 1.20
C ASP A 56 -44.29 -18.04 1.95
N PRO A 57 -44.21 -17.12 2.92
CA PRO A 57 -43.01 -16.38 3.35
C PRO A 57 -42.18 -17.13 4.38
N ILE A 58 -41.00 -16.59 4.70
CA ILE A 58 -40.25 -17.11 5.84
C ILE A 58 -41.10 -16.98 7.10
N PRO A 59 -41.32 -18.06 7.85
CA PRO A 59 -42.33 -18.00 8.92
C PRO A 59 -41.96 -17.02 10.02
N LEU A 60 -42.99 -16.59 10.75
CA LEU A 60 -42.80 -15.70 11.89
C LEU A 60 -41.89 -16.36 12.92
N ASP A 61 -41.22 -15.51 13.71
CA ASP A 61 -40.31 -15.92 14.77
C ASP A 61 -39.05 -16.61 14.26
N THR A 62 -38.78 -16.54 12.95
CA THR A 62 -37.55 -17.08 12.40
C THR A 62 -36.42 -16.07 12.55
N GLU A 63 -35.24 -16.56 12.94
CA GLU A 63 -34.05 -15.72 12.97
C GLU A 63 -33.47 -15.64 11.55
N VAL A 64 -33.31 -14.43 11.05
CA VAL A 64 -32.87 -14.19 9.68
C VAL A 64 -31.73 -13.17 9.69
N THR A 65 -31.18 -12.93 8.52
CA THR A 65 -30.22 -11.86 8.29
C THR A 65 -30.87 -10.84 7.36
N ALA A 66 -30.87 -9.58 7.78
CA ALA A 66 -31.57 -8.51 7.07
C ALA A 66 -30.53 -7.61 6.43
N LEU A 67 -30.48 -7.61 5.10
CA LEU A 67 -29.51 -6.82 4.36
C LEU A 67 -29.91 -5.36 4.30
N SER A 68 -28.92 -4.48 4.54
CA SER A 68 -29.03 -3.06 4.25
C SER A 68 -27.66 -2.58 3.81
N GLU A 69 -27.60 -1.35 3.31
CA GLU A 69 -26.37 -0.85 2.71
C GLU A 69 -25.22 -0.94 3.71
N ASP A 70 -24.15 -1.63 3.29
CA ASP A 70 -22.95 -1.85 4.10
C ASP A 70 -23.22 -2.75 5.30
N GLU A 71 -24.33 -3.48 5.30
CA GLU A 71 -24.69 -4.42 6.36
C GLU A 71 -24.90 -5.79 5.75
N TYR A 72 -24.05 -6.75 6.12
CA TYR A 72 -24.10 -8.08 5.56
C TYR A 72 -24.40 -9.19 6.56
N PHE A 73 -24.34 -8.91 7.86
CA PHE A 73 -24.50 -9.94 8.89
C PHE A 73 -25.45 -9.52 10.00
N SER A 74 -26.31 -8.54 9.75
CA SER A 74 -27.23 -8.05 10.78
C SER A 74 -28.36 -9.06 10.96
N ALA A 75 -28.46 -9.63 12.16
CA ALA A 75 -29.46 -10.65 12.46
C ALA A 75 -30.67 -10.03 13.15
N GLY A 76 -31.83 -10.63 12.92
CA GLY A 76 -33.07 -10.19 13.50
C GLY A 76 -34.09 -11.32 13.46
N VAL A 77 -35.27 -11.04 13.99
CA VAL A 77 -36.35 -12.02 14.08
C VAL A 77 -37.55 -11.50 13.31
N VAL A 78 -38.15 -12.36 12.50
CA VAL A 78 -39.36 -12.00 11.76
C VAL A 78 -40.52 -11.91 12.73
N LYS A 79 -41.18 -10.76 12.77
CA LYS A 79 -42.35 -10.55 13.62
C LYS A 79 -43.58 -10.11 12.82
N GLY A 80 -43.47 -10.01 11.49
CA GLY A 80 -44.62 -9.63 10.69
C GLY A 80 -44.38 -9.78 9.20
N HIS A 81 -45.50 -9.93 8.47
CA HIS A 81 -45.49 -9.96 7.01
C HIS A 81 -46.49 -8.94 6.51
N ARG A 82 -46.23 -8.39 5.32
CA ARG A 82 -47.12 -7.40 4.75
C ARG A 82 -47.04 -7.47 3.23
N LYS A 83 -48.19 -7.55 2.58
CA LYS A 83 -48.30 -7.48 1.14
C LYS A 83 -48.71 -6.07 0.75
N GLU A 84 -47.90 -5.41 -0.07
CA GLU A 84 -48.19 -4.07 -0.55
CA GLU A 84 -48.19 -4.06 -0.55
C GLU A 84 -47.93 -4.02 -2.04
N SER A 85 -48.99 -3.82 -2.83
CA SER A 85 -48.88 -3.74 -4.28
C SER A 85 -48.28 -5.01 -4.87
N GLY A 86 -48.66 -6.16 -4.32
CA GLY A 86 -48.18 -7.43 -4.82
C GLY A 86 -46.77 -7.77 -4.41
N GLU A 87 -46.20 -7.08 -3.43
CA GLU A 87 -44.84 -7.33 -2.97
C GLU A 87 -44.86 -7.68 -1.49
N LEU A 88 -44.00 -8.61 -1.11
CA LEU A 88 -43.89 -9.06 0.27
C LEU A 88 -42.87 -8.20 1.02
N TYR A 89 -43.25 -7.77 2.22
CA TYR A 89 -42.36 -7.05 3.13
C TYR A 89 -42.25 -7.81 4.44
N TYR A 90 -41.05 -7.87 4.99
CA TYR A 90 -40.80 -8.49 6.28
C TYR A 90 -40.61 -7.41 7.34
N SER A 91 -41.26 -7.60 8.49
CA SER A 91 -41.01 -6.78 9.67
C SER A 91 -40.01 -7.53 10.53
N ILE A 92 -38.81 -6.96 10.68
CA ILE A 92 -37.70 -7.62 11.36
C ILE A 92 -37.44 -6.89 12.66
N GLU A 93 -37.44 -7.63 13.76
CA GLU A 93 -37.19 -7.06 15.08
C GLU A 93 -35.73 -7.24 15.46
N LYS A 94 -35.14 -6.19 16.02
CA LYS A 94 -33.76 -6.22 16.47
C LYS A 94 -33.61 -5.21 17.60
N GLU A 95 -33.23 -5.68 18.78
CA GLU A 95 -33.03 -4.82 19.95
C GLU A 95 -34.31 -4.04 20.28
N GLY A 96 -35.45 -4.72 20.26
CA GLY A 96 -36.71 -4.11 20.62
C GLY A 96 -37.29 -3.17 19.59
N GLN A 97 -36.66 -3.00 18.44
CA GLN A 97 -37.16 -2.14 17.37
C GLN A 97 -37.44 -2.98 16.14
N ARG A 98 -38.49 -2.62 15.41
CA ARG A 98 -38.88 -3.30 14.19
C ARG A 98 -38.70 -2.38 12.99
N LYS A 99 -38.25 -2.95 11.88
CA LYS A 99 -38.06 -2.21 10.63
C LYS A 99 -38.51 -3.10 9.47
N TRP A 100 -38.94 -2.46 8.39
CA TRP A 100 -39.48 -3.16 7.24
C TRP A 100 -38.37 -3.43 6.22
N TYR A 101 -38.32 -4.66 5.72
CA TYR A 101 -37.39 -5.07 4.68
C TYR A 101 -38.18 -5.74 3.57
N LYS A 102 -37.77 -5.49 2.32
CA LYS A 102 -38.34 -6.22 1.21
C LYS A 102 -37.86 -7.67 1.23
N ARG A 103 -38.69 -8.56 0.70
CA ARG A 103 -38.38 -9.98 0.63
C ARG A 103 -36.94 -10.21 0.21
N MET A 104 -36.51 -9.45 -0.80
CA MET A 104 -35.21 -9.66 -1.42
C MET A 104 -34.07 -9.50 -0.43
N ALA A 105 -34.24 -8.65 0.58
CA ALA A 105 -33.16 -8.32 1.51
C ALA A 105 -33.09 -9.25 2.72
N VAL A 106 -34.02 -10.18 2.87
CA VAL A 106 -34.06 -11.08 4.02
C VAL A 106 -33.47 -12.41 3.57
N ILE A 107 -32.31 -12.77 4.13
CA ILE A 107 -31.62 -14.00 3.78
C ILE A 107 -31.37 -14.80 5.06
N LEU A 108 -30.83 -16.01 4.89
CA LEU A 108 -30.53 -16.89 6.00
C LEU A 108 -29.08 -17.35 5.91
N SER A 109 -28.35 -17.22 7.00
CA SER A 109 -27.05 -17.85 7.10
C SER A 109 -27.23 -19.37 7.11
N LEU A 110 -26.10 -20.08 6.99
CA LEU A 110 -26.16 -21.54 7.03
C LEU A 110 -26.83 -22.03 8.31
N GLU A 111 -26.39 -21.49 9.46
CA GLU A 111 -26.98 -21.88 10.74
C GLU A 111 -28.47 -21.55 10.78
N GLN A 112 -28.84 -20.34 10.33
CA GLN A 112 -30.25 -19.95 10.36
C GLN A 112 -31.08 -20.82 9.42
N GLY A 113 -30.53 -21.18 8.26
CA GLY A 113 -31.26 -22.01 7.32
C GLY A 113 -31.38 -23.45 7.79
N ASN A 114 -30.37 -23.95 8.50
CA ASN A 114 -30.43 -25.32 9.01
C ASN A 114 -31.55 -25.49 10.04
N ARG A 115 -31.95 -24.41 10.71
CA ARG A 115 -33.06 -24.49 11.65
C ARG A 115 -34.37 -24.81 10.96
N LEU A 116 -34.49 -24.53 9.66
CA LEU A 116 -35.71 -24.79 8.90
C LEU A 116 -35.61 -26.01 7.99
N ARG A 117 -34.43 -26.63 7.91
CA ARG A 117 -34.24 -27.73 6.98
CA ARG A 117 -34.23 -27.74 6.99
C ARG A 117 -35.21 -28.87 7.26
N GLU A 118 -35.34 -29.27 8.53
CA GLU A 118 -36.18 -30.41 8.87
C GLU A 118 -37.62 -30.22 8.39
N GLN A 119 -38.16 -29.03 8.57
CA GLN A 119 -39.58 -28.80 8.28
C GLN A 119 -39.85 -28.36 6.85
N TYR A 120 -38.93 -27.63 6.22
CA TYR A 120 -39.19 -27.01 4.94
C TYR A 120 -38.23 -27.46 3.84
N GLY A 121 -37.24 -28.29 4.14
CA GLY A 121 -36.27 -28.68 3.13
C GLY A 121 -36.85 -29.63 2.12
N LEU A 122 -36.26 -29.61 0.92
CA LEU A 122 -36.61 -30.54 -0.15
C LEU A 122 -35.60 -31.68 -0.29
N GLY A 123 -34.81 -31.94 0.76
CA GLY A 123 -33.81 -32.98 0.70
C GLY A 123 -34.39 -34.36 0.48
N ASN B 4 -5.44 6.78 -6.41
CA ASN B 4 -4.48 5.96 -5.68
C ASN B 4 -4.80 4.47 -5.83
N SER B 5 -5.78 4.00 -5.05
CA SER B 5 -6.21 2.62 -5.08
C SER B 5 -7.73 2.56 -5.11
N PHE B 6 -8.25 1.55 -5.82
CA PHE B 6 -9.68 1.35 -5.96
C PHE B 6 -10.29 0.56 -4.81
N VAL B 7 -9.47 0.08 -3.87
CA VAL B 7 -10.00 -0.71 -2.77
C VAL B 7 -10.92 0.16 -1.91
N GLY B 8 -12.10 -0.37 -1.61
CA GLY B 8 -13.08 0.32 -0.81
C GLY B 8 -14.15 1.05 -1.61
N LEU B 9 -13.95 1.24 -2.91
CA LEU B 9 -14.90 2.00 -3.72
C LEU B 9 -16.05 1.11 -4.17
N ARG B 10 -17.26 1.68 -4.18
CA ARG B 10 -18.42 0.95 -4.65
C ARG B 10 -18.46 0.95 -6.17
N VAL B 11 -19.00 -0.13 -6.74
CA VAL B 11 -19.01 -0.35 -8.18
C VAL B 11 -20.26 -1.14 -8.55
N VAL B 12 -20.52 -1.24 -9.85
CA VAL B 12 -21.42 -2.23 -10.42
C VAL B 12 -20.57 -3.10 -11.34
N ALA B 13 -20.67 -4.42 -11.16
N ALA B 13 -20.67 -4.42 -11.18
CA ALA B 13 -19.75 -5.35 -11.80
CA ALA B 13 -19.76 -5.34 -11.84
C ALA B 13 -20.49 -6.61 -12.21
C ALA B 13 -20.52 -6.40 -12.62
N LYS B 14 -20.04 -7.18 -13.32
N LYS B 14 -20.14 -6.59 -13.88
CA LYS B 14 -20.60 -8.42 -13.86
CA LYS B 14 -20.67 -7.69 -14.68
C LYS B 14 -19.64 -9.56 -13.54
C LYS B 14 -20.60 -8.98 -13.90
N TRP B 15 -20.12 -10.54 -12.77
N TRP B 15 -21.76 -9.64 -13.75
CA TRP B 15 -19.28 -11.66 -12.35
CA TRP B 15 -21.83 -10.82 -12.90
C TRP B 15 -19.53 -12.93 -13.13
C TRP B 15 -20.99 -11.96 -13.45
N SER B 16 -20.64 -13.04 -13.85
N SER B 16 -21.35 -12.47 -14.63
CA SER B 16 -20.96 -14.22 -14.64
CA SER B 16 -20.60 -13.59 -15.19
C SER B 16 -21.11 -13.83 -16.10
C SER B 16 -20.82 -13.61 -16.71
N SER B 17 -20.85 -14.78 -16.99
N SER B 17 -20.74 -14.79 -17.31
CA SER B 17 -20.89 -14.51 -18.42
CA SER B 17 -20.90 -14.89 -18.76
C SER B 17 -22.28 -14.06 -18.85
C SER B 17 -22.29 -14.44 -19.20
N ASN B 18 -23.31 -14.77 -18.41
CA ASN B 18 -24.69 -14.43 -18.73
C ASN B 18 -25.25 -13.40 -17.75
N GLY B 19 -24.42 -12.46 -17.33
CA GLY B 19 -24.67 -11.68 -16.13
C GLY B 19 -25.04 -10.24 -16.37
N TYR B 20 -25.88 -9.72 -15.48
CA TYR B 20 -26.07 -8.29 -15.34
C TYR B 20 -24.94 -7.70 -14.51
N PHE B 21 -24.93 -6.37 -14.42
CA PHE B 21 -24.03 -5.67 -13.50
C PHE B 21 -24.77 -5.43 -12.19
N TYR B 22 -24.14 -5.79 -11.08
CA TYR B 22 -24.75 -5.70 -9.76
C TYR B 22 -23.95 -4.80 -8.85
N SER B 23 -24.66 -4.09 -7.97
CA SER B 23 -24.01 -3.21 -7.01
C SER B 23 -23.06 -4.00 -6.12
N GLY B 24 -21.86 -3.48 -5.93
CA GLY B 24 -20.86 -4.14 -5.13
C GLY B 24 -19.80 -3.19 -4.65
N LYS B 25 -18.66 -3.75 -4.25
CA LYS B 25 -17.61 -3.00 -3.58
C LYS B 25 -16.29 -3.72 -3.75
N ILE B 26 -15.27 -3.01 -4.24
CA ILE B 26 -13.95 -3.61 -4.41
C ILE B 26 -13.29 -3.76 -3.03
N THR B 27 -12.81 -4.96 -2.73
CA THR B 27 -12.17 -5.24 -1.46
C THR B 27 -10.68 -5.53 -1.58
N ARG B 28 -10.20 -5.96 -2.74
CA ARG B 28 -8.79 -6.28 -2.92
C ARG B 28 -8.39 -6.09 -4.37
N ASP B 29 -7.14 -5.71 -4.58
CA ASP B 29 -6.49 -5.77 -5.88
C ASP B 29 -5.69 -7.06 -5.89
N VAL B 30 -6.18 -8.07 -6.61
CA VAL B 30 -5.57 -9.39 -6.59
C VAL B 30 -4.63 -9.59 -7.78
N GLY B 31 -4.24 -8.51 -8.45
CA GLY B 31 -3.33 -8.59 -9.58
C GLY B 31 -3.96 -9.28 -10.78
N ALA B 32 -3.17 -9.34 -11.86
CA ALA B 32 -3.59 -9.96 -13.11
C ALA B 32 -4.83 -9.29 -13.68
N GLY B 33 -4.97 -7.99 -13.44
CA GLY B 33 -6.15 -7.28 -13.87
C GLY B 33 -7.43 -7.71 -13.19
N LYS B 34 -7.32 -8.37 -12.04
CA LYS B 34 -8.48 -8.86 -11.30
C LYS B 34 -8.63 -8.10 -9.99
N TYR B 35 -9.88 -8.00 -9.53
CA TYR B 35 -10.20 -7.39 -8.25
C TYR B 35 -11.15 -8.32 -7.50
N LYS B 36 -11.00 -8.38 -6.18
CA LYS B 36 -11.96 -9.09 -5.36
C LYS B 36 -13.15 -8.18 -5.08
N LEU B 37 -14.35 -8.68 -5.30
CA LEU B 37 -15.56 -7.89 -5.17
CA LEU B 37 -15.57 -7.91 -5.18
C LEU B 37 -16.45 -8.46 -4.08
N LEU B 38 -17.16 -7.55 -3.40
CA LEU B 38 -18.15 -7.89 -2.39
C LEU B 38 -19.47 -7.31 -2.86
N PHE B 39 -20.37 -8.18 -3.30
CA PHE B 39 -21.69 -7.74 -3.73
C PHE B 39 -22.55 -7.42 -2.52
N ASP B 40 -23.59 -6.60 -2.75
CA ASP B 40 -24.43 -6.16 -1.65
C ASP B 40 -25.16 -7.31 -0.97
N ASP B 41 -25.34 -8.43 -1.66
CA ASP B 41 -25.97 -9.59 -1.04
C ASP B 41 -25.00 -10.43 -0.22
N GLY B 42 -23.72 -10.08 -0.21
CA GLY B 42 -22.73 -10.78 0.57
C GLY B 42 -21.83 -11.72 -0.20
N TYR B 43 -22.12 -11.96 -1.47
CA TYR B 43 -21.30 -12.88 -2.26
C TYR B 43 -19.98 -12.24 -2.63
N GLU B 44 -18.91 -13.03 -2.58
CA GLU B 44 -17.57 -12.58 -2.89
C GLU B 44 -16.96 -13.43 -3.99
N CYS B 45 -16.25 -12.79 -4.91
CA CYS B 45 -15.54 -13.49 -5.97
C CYS B 45 -14.63 -12.49 -6.67
N ASP B 46 -13.73 -13.02 -7.49
CA ASP B 46 -12.82 -12.20 -8.28
C ASP B 46 -13.47 -11.87 -9.63
N VAL B 47 -13.22 -10.66 -10.12
CA VAL B 47 -13.81 -10.18 -11.36
C VAL B 47 -12.76 -9.39 -12.12
N LEU B 48 -12.75 -9.55 -13.44
CA LEU B 48 -11.82 -8.82 -14.28
C LEU B 48 -12.18 -7.34 -14.32
N GLY B 49 -11.17 -6.49 -14.52
CA GLY B 49 -11.40 -5.06 -14.56
C GLY B 49 -12.38 -4.65 -15.65
N LYS B 50 -12.28 -5.26 -16.83
CA LYS B 50 -13.19 -4.92 -17.92
C LYS B 50 -14.64 -5.16 -17.56
N ASP B 51 -14.89 -5.97 -16.53
CA ASP B 51 -16.24 -6.31 -16.10
C ASP B 51 -16.72 -5.47 -14.93
N ILE B 52 -16.01 -4.38 -14.61
CA ILE B 52 -16.35 -3.53 -13.48
C ILE B 52 -16.57 -2.11 -13.99
N LEU B 53 -17.64 -1.48 -13.49
CA LEU B 53 -17.93 -0.09 -13.79
C LEU B 53 -17.80 0.70 -12.49
N LEU B 54 -16.90 1.68 -12.48
CA LEU B 54 -16.63 2.49 -11.30
C LEU B 54 -17.67 3.59 -11.17
N CYS B 55 -18.87 3.16 -10.78
CA CYS B 55 -20.03 4.04 -10.64
C CYS B 55 -20.53 4.00 -9.21
N ASP B 56 -20.59 5.16 -8.56
CA ASP B 56 -21.17 5.29 -7.24
C ASP B 56 -21.63 6.72 -7.00
N PRO B 57 -22.91 7.04 -7.22
CA PRO B 57 -23.99 6.15 -7.69
C PRO B 57 -24.01 6.01 -9.20
N ILE B 58 -24.91 5.18 -9.72
CA ILE B 58 -25.13 5.14 -11.16
C ILE B 58 -25.55 6.53 -11.63
N PRO B 59 -24.95 7.08 -12.69
CA PRO B 59 -25.22 8.49 -13.02
C PRO B 59 -26.67 8.74 -13.40
N LEU B 60 -27.10 9.98 -13.19
CA LEU B 60 -28.40 10.41 -13.65
C LEU B 60 -28.52 10.24 -15.16
N ASP B 61 -29.75 10.03 -15.63
CA ASP B 61 -30.10 9.81 -17.03
C ASP B 61 -29.63 8.47 -17.56
N THR B 62 -29.15 7.58 -16.70
CA THR B 62 -28.73 6.25 -17.13
C THR B 62 -29.94 5.33 -17.23
N GLU B 63 -29.98 4.54 -18.30
CA GLU B 63 -30.98 3.48 -18.41
C GLU B 63 -30.53 2.29 -17.60
N VAL B 64 -31.42 1.79 -16.73
CA VAL B 64 -31.10 0.73 -15.80
C VAL B 64 -32.26 -0.27 -15.78
N THR B 65 -32.07 -1.35 -15.01
CA THR B 65 -33.12 -2.33 -14.76
C THR B 65 -33.44 -2.28 -13.27
N ALA B 66 -34.70 -2.02 -12.94
CA ALA B 66 -35.12 -1.85 -11.55
C ALA B 66 -35.87 -3.11 -11.11
N LEU B 67 -35.30 -3.81 -10.13
CA LEU B 67 -35.86 -5.08 -9.68
C LEU B 67 -37.03 -4.87 -8.72
N SER B 68 -38.07 -5.67 -8.90
CA SER B 68 -39.17 -5.75 -7.94
C SER B 68 -39.73 -7.16 -8.03
N GLU B 69 -40.55 -7.52 -7.04
CA GLU B 69 -41.05 -8.88 -6.94
C GLU B 69 -41.70 -9.33 -8.23
N ASP B 70 -41.18 -10.40 -8.81
CA ASP B 70 -41.66 -10.98 -10.07
C ASP B 70 -41.37 -10.09 -11.28
N GLU B 71 -40.44 -9.15 -11.14
CA GLU B 71 -40.02 -8.28 -12.24
C GLU B 71 -38.50 -8.36 -12.35
N TYR B 72 -38.01 -8.85 -13.49
CA TYR B 72 -36.58 -9.05 -13.68
C TYR B 72 -36.00 -8.23 -14.83
N PHE B 73 -36.83 -7.66 -15.70
CA PHE B 73 -36.34 -6.93 -16.86
C PHE B 73 -36.97 -5.55 -17.00
N SER B 74 -37.57 -5.03 -15.92
CA SER B 74 -38.23 -3.72 -15.98
C SER B 74 -37.17 -2.64 -16.13
N ALA B 75 -37.15 -2.01 -17.30
CA ALA B 75 -36.17 -0.96 -17.59
C ALA B 75 -36.70 0.40 -17.18
N GLY B 76 -35.78 1.30 -16.88
CA GLY B 76 -36.13 2.65 -16.46
C GLY B 76 -34.92 3.55 -16.53
N VAL B 77 -35.15 4.84 -16.28
CA VAL B 77 -34.11 5.86 -16.37
C VAL B 77 -33.92 6.48 -14.99
N VAL B 78 -32.66 6.54 -14.54
CA VAL B 78 -32.35 7.17 -13.27
C VAL B 78 -32.56 8.67 -13.41
N LYS B 79 -33.40 9.23 -12.53
CA LYS B 79 -33.68 10.65 -12.55
C LYS B 79 -33.43 11.33 -11.21
N GLY B 80 -32.95 10.59 -10.21
CA GLY B 80 -32.67 11.19 -8.91
C GLY B 80 -31.95 10.27 -7.97
N HIS B 81 -31.20 10.85 -7.04
CA HIS B 81 -30.57 10.12 -5.94
C HIS B 81 -31.01 10.73 -4.62
N ARG B 82 -31.01 9.92 -3.57
CA ARG B 82 -31.40 10.40 -2.26
C ARG B 82 -30.72 9.55 -1.20
N LYS B 83 -30.12 10.20 -0.22
CA LYS B 83 -29.57 9.53 0.95
C LYS B 83 -30.57 9.60 2.09
N GLU B 84 -30.91 8.45 2.66
CA GLU B 84 -31.84 8.37 3.78
C GLU B 84 -31.25 7.40 4.81
N SER B 85 -30.84 7.93 5.96
CA SER B 85 -30.30 7.10 7.03
C SER B 85 -29.09 6.30 6.55
N GLY B 86 -28.23 6.93 5.76
CA GLY B 86 -27.03 6.29 5.28
C GLY B 86 -27.21 5.32 4.14
N GLU B 87 -28.40 5.25 3.54
CA GLU B 87 -28.67 4.34 2.45
C GLU B 87 -29.05 5.13 1.20
N LEU B 88 -28.50 4.70 0.07
CA LEU B 88 -28.80 5.34 -1.21
C LEU B 88 -30.10 4.80 -1.79
N TYR B 89 -30.93 5.71 -2.28
CA TYR B 89 -32.15 5.38 -3.00
C TYR B 89 -32.09 5.99 -4.40
N TYR B 90 -32.57 5.24 -5.39
CA TYR B 90 -32.65 5.70 -6.76
C TYR B 90 -34.08 6.06 -7.11
N SER B 91 -34.26 7.18 -7.80
CA SER B 91 -35.55 7.56 -8.37
C SER B 91 -35.55 7.13 -9.83
N ILE B 92 -36.33 6.11 -10.15
CA ILE B 92 -36.34 5.51 -11.47
C ILE B 92 -37.63 5.92 -12.18
N GLU B 93 -37.49 6.50 -13.37
CA GLU B 93 -38.63 6.92 -14.16
C GLU B 93 -38.96 5.84 -15.17
N LYS B 94 -40.24 5.47 -15.25
CA LYS B 94 -40.72 4.49 -16.22
C LYS B 94 -42.11 4.93 -16.67
N GLU B 95 -42.23 5.29 -17.94
CA GLU B 95 -43.50 5.73 -18.52
C GLU B 95 -44.06 6.92 -17.75
N GLY B 96 -43.22 7.94 -17.59
CA GLY B 96 -43.63 9.20 -17.00
C GLY B 96 -43.84 9.17 -15.50
N GLN B 97 -43.67 8.02 -14.84
CA GLN B 97 -43.86 7.90 -13.41
C GLN B 97 -42.55 7.48 -12.75
N ARG B 98 -42.24 8.12 -11.63
CA ARG B 98 -41.01 7.85 -10.89
C ARG B 98 -41.32 7.06 -9.63
N LYS B 99 -40.46 6.08 -9.33
CA LYS B 99 -40.57 5.26 -8.15
C LYS B 99 -39.20 5.15 -7.48
N TRP B 100 -39.19 5.00 -6.17
CA TRP B 100 -37.95 4.90 -5.41
C TRP B 100 -37.53 3.44 -5.28
N TYR B 101 -36.26 3.17 -5.59
CA TYR B 101 -35.67 1.85 -5.44
C TYR B 101 -34.40 1.96 -4.60
N LYS B 102 -34.16 0.98 -3.75
CA LYS B 102 -32.90 0.91 -3.02
C LYS B 102 -31.77 0.55 -3.96
N ARG B 103 -30.56 0.98 -3.60
CA ARG B 103 -29.38 0.74 -4.44
C ARG B 103 -29.32 -0.71 -4.90
N MET B 104 -29.54 -1.65 -3.99
CA MET B 104 -29.35 -3.06 -4.30
C MET B 104 -30.26 -3.52 -5.44
N ALA B 105 -31.41 -2.87 -5.60
CA ALA B 105 -32.40 -3.31 -6.58
C ALA B 105 -32.19 -2.73 -7.97
N VAL B 106 -31.16 -1.90 -8.17
CA VAL B 106 -30.92 -1.25 -9.45
C VAL B 106 -29.72 -1.94 -10.09
N ILE B 107 -29.95 -2.62 -11.21
CA ILE B 107 -28.92 -3.37 -11.91
C ILE B 107 -28.89 -2.93 -13.37
N LEU B 108 -27.90 -3.44 -14.09
CA LEU B 108 -27.70 -3.11 -15.50
C LEU B 108 -27.59 -4.39 -16.33
N SER B 109 -28.39 -4.49 -17.37
CA SER B 109 -28.19 -5.53 -18.36
C SER B 109 -26.85 -5.30 -19.09
N LEU B 110 -26.48 -6.26 -19.93
CA LEU B 110 -25.24 -6.14 -20.68
C LEU B 110 -25.24 -4.89 -21.54
N GLU B 111 -26.28 -4.72 -22.37
CA GLU B 111 -26.38 -3.53 -23.22
C GLU B 111 -26.33 -2.26 -22.39
N GLN B 112 -27.01 -2.24 -21.24
CA GLN B 112 -27.05 -1.04 -20.42
C GLN B 112 -25.68 -0.74 -19.82
N GLY B 113 -24.96 -1.78 -19.39
CA GLY B 113 -23.62 -1.57 -18.84
C GLY B 113 -22.62 -1.13 -19.89
N ASN B 114 -22.77 -1.61 -21.13
CA ASN B 114 -21.82 -1.25 -22.17
C ASN B 114 -21.83 0.24 -22.47
N ARG B 115 -22.96 0.91 -22.23
CA ARG B 115 -23.03 2.35 -22.47
C ARG B 115 -22.15 3.13 -21.50
N LEU B 116 -21.82 2.55 -20.35
CA LEU B 116 -20.95 3.19 -19.37
C LEU B 116 -19.53 2.65 -19.41
N ARG B 117 -19.25 1.68 -20.28
CA ARG B 117 -17.96 1.00 -20.25
C ARG B 117 -16.82 1.96 -20.57
N GLU B 118 -16.96 2.74 -21.64
CA GLU B 118 -15.86 3.61 -22.07
C GLU B 118 -15.50 4.62 -20.99
N GLN B 119 -16.51 5.14 -20.29
CA GLN B 119 -16.28 6.21 -19.33
C GLN B 119 -15.92 5.69 -17.94
N TYR B 120 -16.54 4.58 -17.51
CA TYR B 120 -16.37 4.09 -16.14
C TYR B 120 -15.71 2.73 -16.03
N GLY B 121 -15.53 2.01 -17.14
CA GLY B 121 -14.93 0.68 -17.05
C GLY B 121 -13.49 0.73 -16.58
N LEU B 122 -13.04 -0.41 -16.05
CA LEU B 122 -11.67 -0.55 -15.58
C LEU B 122 -10.84 -1.41 -16.53
N HIS C 2 18.30 -39.50 -2.51
CA HIS C 2 16.86 -39.75 -2.49
C HIS C 2 16.54 -40.95 -1.62
N MET C 3 16.61 -40.75 -0.30
CA MET C 3 16.32 -41.82 0.65
C MET C 3 14.81 -42.08 0.69
N ASN C 4 14.45 -43.13 1.42
CA ASN C 4 13.05 -43.50 1.59
C ASN C 4 12.36 -42.77 2.74
N SER C 5 13.12 -42.06 3.58
CA SER C 5 12.57 -41.32 4.71
C SER C 5 12.45 -39.85 4.34
N PHE C 6 11.26 -39.28 4.58
CA PHE C 6 11.01 -37.88 4.29
C PHE C 6 11.02 -37.00 5.52
N VAL C 7 11.02 -37.58 6.73
CA VAL C 7 11.03 -36.79 7.94
C VAL C 7 12.32 -36.00 8.02
N GLY C 8 12.19 -34.72 8.37
CA GLY C 8 13.32 -33.82 8.46
C GLY C 8 13.61 -33.03 7.20
N LEU C 9 13.03 -33.42 6.07
CA LEU C 9 13.28 -32.73 4.81
C LEU C 9 12.48 -31.44 4.75
N ARG C 10 13.10 -30.40 4.20
CA ARG C 10 12.41 -29.14 3.98
C ARG C 10 11.62 -29.19 2.68
N VAL C 11 10.45 -28.57 2.68
CA VAL C 11 9.53 -28.62 1.56
C VAL C 11 8.78 -27.30 1.48
N VAL C 12 8.00 -27.15 0.40
CA VAL C 12 6.94 -26.15 0.31
C VAL C 12 5.65 -26.92 0.07
N ALA C 13 4.64 -26.64 0.87
N ALA C 13 4.62 -26.62 0.84
CA ALA C 13 3.43 -27.45 0.93
CA ALA C 13 3.40 -27.41 0.79
C ALA C 13 2.20 -26.57 0.78
C ALA C 13 2.17 -26.54 0.98
N LYS C 14 1.29 -26.99 -0.09
N LYS C 14 1.08 -26.96 0.35
CA LYS C 14 0.05 -26.26 -0.31
CA LYS C 14 -0.25 -26.39 0.55
C LYS C 14 -0.72 -26.12 1.01
C LYS C 14 -0.97 -27.15 1.65
N TRP C 15 -1.43 -25.01 1.15
N TRP C 15 -1.67 -26.41 2.51
CA TRP C 15 -2.18 -24.75 2.37
CA TRP C 15 -2.29 -27.00 3.69
C TRP C 15 -3.48 -25.52 2.29
C TRP C 15 -3.78 -26.74 3.82
N SER C 16 -4.53 -24.93 1.73
N SER C 16 -4.33 -25.71 3.19
CA SER C 16 -5.84 -25.61 1.60
CA SER C 16 -5.74 -25.37 3.35
C SER C 16 -6.60 -25.06 0.40
C SER C 16 -6.28 -24.95 1.99
N SER C 17 -7.87 -24.69 0.64
N SER C 17 -7.45 -24.31 2.00
CA SER C 17 -8.79 -24.08 -0.35
CA SER C 17 -8.10 -23.87 0.77
C SER C 17 -8.15 -22.79 -0.87
C SER C 17 -7.41 -22.68 0.12
N ASN C 18 -7.37 -22.11 -0.03
N ASN C 18 -6.43 -22.08 0.79
CA ASN C 18 -6.68 -20.87 -0.44
CA ASN C 18 -5.71 -20.95 0.20
C ASN C 18 -5.72 -21.14 -1.58
C ASN C 18 -5.10 -21.33 -1.15
N GLY C 19 -4.93 -22.21 -1.48
N GLY C 19 -4.61 -22.57 -1.26
CA GLY C 19 -4.11 -22.66 -2.59
CA GLY C 19 -3.99 -23.04 -2.48
C GLY C 19 -2.78 -21.95 -2.75
C GLY C 19 -2.55 -22.63 -2.67
N TYR C 20 -1.96 -21.94 -1.70
CA TYR C 20 -0.59 -21.45 -1.81
C TYR C 20 0.34 -22.38 -1.04
N PHE C 21 1.54 -22.60 -1.60
CA PHE C 21 2.54 -23.45 -0.99
C PHE C 21 3.47 -22.59 -0.14
N TYR C 22 3.72 -23.04 1.10
CA TYR C 22 4.55 -22.29 2.04
C TYR C 22 5.71 -23.15 2.51
N SER C 23 6.82 -22.47 2.81
CA SER C 23 8.03 -23.15 3.27
C SER C 23 7.78 -23.85 4.60
N GLY C 24 8.21 -25.09 4.70
CA GLY C 24 8.00 -25.88 5.90
C GLY C 24 8.92 -27.07 5.94
N LYS C 25 8.61 -27.99 6.85
CA LYS C 25 9.48 -29.12 7.13
C LYS C 25 8.63 -30.31 7.57
N ILE C 26 8.89 -31.47 6.98
CA ILE C 26 8.16 -32.68 7.37
C ILE C 26 8.67 -33.15 8.73
N THR C 27 7.74 -33.35 9.66
CA THR C 27 8.09 -33.82 11.00
C THR C 27 7.67 -35.26 11.27
N ARG C 28 6.64 -35.76 10.59
CA ARG C 28 6.15 -37.11 10.83
C ARG C 28 5.55 -37.67 9.56
N ASP C 29 5.66 -38.99 9.41
CA ASP C 29 5.02 -39.75 8.33
C ASP C 29 3.88 -40.53 8.97
N VAL C 30 2.66 -40.01 8.84
CA VAL C 30 1.51 -40.57 9.55
C VAL C 30 0.76 -41.62 8.73
N GLY C 31 1.21 -41.92 7.52
CA GLY C 31 0.53 -42.90 6.69
C GLY C 31 -0.73 -42.33 6.07
N ALA C 32 -1.36 -43.16 5.24
CA ALA C 32 -2.56 -42.77 4.50
C ALA C 32 -2.28 -41.58 3.57
N GLY C 33 -1.06 -41.51 3.05
CA GLY C 33 -0.67 -40.42 2.18
C GLY C 33 -0.59 -39.07 2.87
N LYS C 34 -0.54 -39.05 4.20
CA LYS C 34 -0.50 -37.81 4.96
C LYS C 34 0.86 -37.64 5.63
N TYR C 35 1.22 -36.39 5.89
CA TYR C 35 2.44 -36.05 6.58
C TYR C 35 2.17 -34.89 7.53
N LYS C 36 2.77 -34.93 8.72
CA LYS C 36 2.71 -33.79 9.62
C LYS C 36 3.79 -32.80 9.20
N LEU C 37 3.40 -31.55 8.99
CA LEU C 37 4.28 -30.53 8.45
CA LEU C 37 4.28 -30.53 8.46
C LEU C 37 4.41 -29.38 9.44
N LEU C 38 5.63 -28.95 9.70
CA LEU C 38 5.91 -27.78 10.53
C LEU C 38 6.27 -26.63 9.61
N PHE C 39 5.40 -25.64 9.51
CA PHE C 39 5.68 -24.47 8.71
C PHE C 39 6.63 -23.54 9.45
N ASP C 40 7.33 -22.70 8.69
CA ASP C 40 8.37 -21.87 9.26
C ASP C 40 7.84 -20.89 10.30
N ASP C 41 6.52 -20.65 10.32
CA ASP C 41 5.93 -19.78 11.33
C ASP C 41 5.61 -20.50 12.63
N GLY C 42 5.85 -21.81 12.71
CA GLY C 42 5.60 -22.56 13.92
C GLY C 42 4.28 -23.31 13.94
N TYR C 43 3.46 -23.18 12.91
CA TYR C 43 2.21 -23.91 12.85
C TYR C 43 2.45 -25.30 12.28
N GLU C 44 1.92 -26.31 12.97
CA GLU C 44 2.08 -27.70 12.55
C GLU C 44 0.72 -28.32 12.32
N CYS C 45 0.58 -29.05 11.21
CA CYS C 45 -0.68 -29.70 10.88
C CYS C 45 -0.42 -30.79 9.84
N ASP C 46 -1.46 -31.58 9.57
CA ASP C 46 -1.38 -32.66 8.61
C ASP C 46 -1.64 -32.14 7.20
N VAL C 47 -0.90 -32.69 6.24
CA VAL C 47 -1.02 -32.28 4.84
CA VAL C 47 -1.02 -32.28 4.84
C VAL C 47 -0.84 -33.52 3.97
N LEU C 48 -1.56 -33.54 2.85
CA LEU C 48 -1.49 -34.67 1.94
C LEU C 48 -0.23 -34.61 1.08
N GLY C 49 0.27 -35.79 0.73
CA GLY C 49 1.49 -35.86 -0.06
C GLY C 49 1.38 -35.13 -1.38
N LYS C 50 0.24 -35.26 -2.06
CA LYS C 50 0.05 -34.59 -3.34
C LYS C 50 0.13 -33.07 -3.21
N ASP C 51 0.09 -32.54 -1.99
CA ASP C 51 0.20 -31.11 -1.76
C ASP C 51 1.60 -30.69 -1.30
N ILE C 52 2.56 -31.61 -1.31
CA ILE C 52 3.90 -31.33 -0.83
C ILE C 52 4.86 -31.34 -2.02
N LEU C 53 5.75 -30.35 -2.07
CA LEU C 53 6.79 -30.27 -3.07
C LEU C 53 8.14 -30.39 -2.36
N LEU C 54 8.90 -31.43 -2.70
N LEU C 54 8.91 -31.41 -2.71
CA LEU C 54 10.23 -31.65 -2.14
CA LEU C 54 10.22 -31.64 -2.08
C LEU C 54 11.21 -30.71 -2.82
C LEU C 54 11.24 -30.73 -2.75
N CYS C 55 11.15 -29.44 -2.41
CA CYS C 55 12.03 -28.40 -2.94
C CYS C 55 12.81 -27.80 -1.78
N ASP C 56 14.12 -27.99 -1.79
CA ASP C 56 15.02 -27.34 -0.83
C ASP C 56 16.38 -27.16 -1.47
N PRO C 57 16.61 -26.00 -2.13
CA PRO C 57 15.72 -24.85 -2.28
C PRO C 57 14.76 -24.96 -3.47
N ILE C 58 13.89 -23.97 -3.61
CA ILE C 58 13.11 -23.85 -4.84
C ILE C 58 14.07 -23.67 -6.01
N PRO C 59 13.95 -24.43 -7.11
CA PRO C 59 14.99 -24.42 -8.14
C PRO C 59 15.12 -23.06 -8.81
N LEU C 60 16.30 -22.84 -9.39
CA LEU C 60 16.54 -21.64 -10.18
C LEU C 60 15.62 -21.60 -11.39
N ASP C 61 15.22 -20.39 -11.77
CA ASP C 61 14.32 -20.12 -12.89
C ASP C 61 12.87 -20.52 -12.61
N THR C 62 12.54 -20.80 -11.35
CA THR C 62 11.15 -21.04 -10.99
C THR C 62 10.42 -19.72 -10.79
N GLU C 63 9.20 -19.64 -11.32
CA GLU C 63 8.34 -18.49 -11.05
C GLU C 63 7.72 -18.66 -9.68
N VAL C 64 7.89 -17.65 -8.83
CA VAL C 64 7.45 -17.70 -7.44
C VAL C 64 6.67 -16.44 -7.12
N THR C 65 6.13 -16.39 -5.90
CA THR C 65 5.53 -15.20 -5.33
C THR C 65 6.37 -14.77 -4.15
N ALA C 66 6.82 -13.51 -4.17
CA ALA C 66 7.74 -12.98 -3.18
C ALA C 66 6.96 -12.04 -2.27
N LEU C 67 6.83 -12.42 -1.00
CA LEU C 67 6.07 -11.63 -0.04
C LEU C 67 6.85 -10.42 0.44
N SER C 68 6.15 -9.30 0.58
CA SER C 68 6.66 -8.14 1.28
C SER C 68 5.47 -7.36 1.81
N GLU C 69 5.74 -6.35 2.64
CA GLU C 69 4.67 -5.65 3.34
C GLU C 69 3.66 -5.10 2.35
N ASP C 70 2.39 -5.50 2.52
CA ASP C 70 1.28 -5.06 1.68
C ASP C 70 1.36 -5.60 0.26
N GLU C 71 2.17 -6.64 0.03
CA GLU C 71 2.27 -7.30 -1.26
C GLU C 71 1.99 -8.79 -1.04
N TYR C 72 0.94 -9.29 -1.70
CA TYR C 72 0.54 -10.68 -1.55
C TYR C 72 0.57 -11.48 -2.85
N PHE C 73 0.74 -10.83 -4.00
CA PHE C 73 0.68 -11.53 -5.28
C PHE C 73 1.79 -11.10 -6.24
N SER C 74 2.90 -10.58 -5.72
CA SER C 74 3.99 -10.10 -6.56
C SER C 74 4.80 -11.28 -7.06
N ALA C 75 4.73 -11.54 -8.36
CA ALA C 75 5.42 -12.67 -8.97
C ALA C 75 6.84 -12.29 -9.35
N GLY C 76 7.71 -13.31 -9.39
CA GLY C 76 9.10 -13.11 -9.76
C GLY C 76 9.73 -14.44 -10.12
N VAL C 77 10.97 -14.35 -10.61
CA VAL C 77 11.73 -15.53 -11.03
C VAL C 77 12.94 -15.69 -10.14
N VAL C 78 13.13 -16.89 -9.61
CA VAL C 78 14.33 -17.18 -8.83
C VAL C 78 15.54 -17.17 -9.75
N LYS C 79 16.54 -16.37 -9.40
CA LYS C 79 17.77 -16.28 -10.17
C LYS C 79 19.02 -16.48 -9.35
N GLY C 80 18.89 -16.80 -8.06
CA GLY C 80 20.07 -16.99 -7.24
C GLY C 80 19.69 -17.52 -5.87
N HIS C 81 20.66 -18.18 -5.24
CA HIS C 81 20.55 -18.68 -3.88
C HIS C 81 21.76 -18.20 -3.09
N ARG C 82 21.56 -17.97 -1.79
CA ARG C 82 22.67 -17.59 -0.94
C ARG C 82 22.44 -18.09 0.48
N LYS C 83 23.45 -18.73 1.05
CA LYS C 83 23.46 -19.12 2.44
C LYS C 83 24.25 -18.09 3.25
N GLU C 84 23.66 -17.62 4.34
N GLU C 84 23.66 -17.62 4.34
CA GLU C 84 24.31 -16.64 5.21
CA GLU C 84 24.32 -16.65 5.21
C GLU C 84 23.90 -16.93 6.64
C GLU C 84 23.91 -16.93 6.64
N SER C 85 24.88 -17.26 7.48
CA SER C 85 24.64 -17.55 8.90
C SER C 85 23.61 -18.67 9.06
N GLY C 86 23.68 -19.67 8.19
CA GLY C 86 22.78 -20.80 8.27
C GLY C 86 21.37 -20.52 7.82
N GLU C 87 21.16 -19.46 7.04
CA GLU C 87 19.84 -19.09 6.55
C GLU C 87 19.86 -18.99 5.03
N LEU C 88 18.78 -19.41 4.40
CA LEU C 88 18.68 -19.36 2.94
C LEU C 88 18.04 -18.05 2.50
N TYR C 89 18.63 -17.44 1.48
CA TYR C 89 18.07 -16.27 0.83
C TYR C 89 17.87 -16.56 -0.64
N TYR C 90 16.78 -16.06 -1.20
CA TYR C 90 16.48 -16.15 -2.62
C TYR C 90 16.72 -14.81 -3.29
N SER C 91 17.32 -14.83 -4.48
CA SER C 91 17.43 -13.66 -5.33
C SER C 91 16.31 -13.74 -6.36
N ILE C 92 15.34 -12.83 -6.25
CA ILE C 92 14.12 -12.86 -7.07
C ILE C 92 14.21 -11.72 -8.07
N GLU C 93 14.07 -12.05 -9.35
CA GLU C 93 14.11 -11.06 -10.42
C GLU C 93 12.70 -10.66 -10.83
N LYS C 94 12.45 -9.36 -10.88
CA LYS C 94 11.18 -8.83 -11.36
C LYS C 94 11.46 -7.51 -12.08
N GLU C 95 10.97 -7.38 -13.31
CA GLU C 95 11.15 -6.17 -14.10
C GLU C 95 12.63 -5.83 -14.25
N GLY C 96 13.45 -6.84 -14.50
CA GLY C 96 14.87 -6.64 -14.72
C GLY C 96 15.66 -6.23 -13.50
N GLN C 97 15.06 -6.26 -12.31
CA GLN C 97 15.74 -5.94 -11.07
C GLN C 97 15.64 -7.12 -10.12
N ARG C 98 16.70 -7.35 -9.36
CA ARG C 98 16.77 -8.47 -8.43
C ARG C 98 16.78 -7.98 -7.00
N LYS C 99 16.01 -8.66 -6.14
CA LYS C 99 15.95 -8.36 -4.73
C LYS C 99 16.09 -9.64 -3.93
N TRP C 100 16.70 -9.51 -2.75
CA TRP C 100 16.92 -10.64 -1.86
C TRP C 100 15.70 -10.84 -0.95
N TYR C 101 15.24 -12.09 -0.85
CA TYR C 101 14.15 -12.48 0.03
C TYR C 101 14.56 -13.69 0.86
N LYS C 102 14.20 -13.68 2.14
CA LYS C 102 14.44 -14.85 2.96
C LYS C 102 13.52 -16.00 2.54
N ARG C 103 13.99 -17.22 2.79
CA ARG C 103 13.22 -18.41 2.44
C ARG C 103 11.76 -18.27 2.85
N MET C 104 11.53 -17.73 4.05
CA MET C 104 10.18 -17.68 4.60
C MET C 104 9.22 -16.89 3.72
N ALA C 105 9.74 -15.94 2.94
CA ALA C 105 8.90 -15.02 2.20
C ALA C 105 8.63 -15.45 0.76
N VAL C 106 9.19 -16.58 0.32
CA VAL C 106 9.01 -17.07 -1.04
C VAL C 106 7.99 -18.19 -1.02
N ILE C 107 6.85 -17.98 -1.69
CA ILE C 107 5.74 -18.92 -1.71
C ILE C 107 5.35 -19.18 -3.17
N LEU C 108 4.46 -20.15 -3.35
CA LEU C 108 4.00 -20.54 -4.68
C LEU C 108 2.48 -20.55 -4.71
N SER C 109 1.90 -19.89 -5.72
CA SER C 109 0.48 -20.04 -5.98
C SER C 109 0.19 -21.45 -6.50
N LEU C 110 -1.09 -21.78 -6.58
CA LEU C 110 -1.47 -23.10 -7.09
C LEU C 110 -0.90 -23.33 -8.49
N GLU C 111 -1.03 -22.34 -9.37
CA GLU C 111 -0.48 -22.46 -10.71
C GLU C 111 1.04 -22.62 -10.66
N GLN C 112 1.72 -21.79 -9.86
CA GLN C 112 3.17 -21.88 -9.76
C GLN C 112 3.60 -23.21 -9.17
N GLY C 113 2.85 -23.72 -8.18
CA GLY C 113 3.19 -25.00 -7.59
C GLY C 113 2.96 -26.17 -8.52
N ASN C 114 1.94 -26.09 -9.38
CA ASN C 114 1.66 -27.19 -10.30
C ASN C 114 2.79 -27.39 -11.30
N ARG C 115 3.51 -26.32 -11.64
CA ARG C 115 4.63 -26.44 -12.57
C ARG C 115 5.77 -27.27 -12.01
N LEU C 116 5.79 -27.50 -10.70
CA LEU C 116 6.79 -28.34 -10.07
C LEU C 116 6.24 -29.68 -9.59
N ARG C 117 4.94 -29.90 -9.75
CA ARG C 117 4.30 -31.07 -9.14
C ARG C 117 4.89 -32.37 -9.70
N GLU C 118 5.03 -32.45 -11.02
CA GLU C 118 5.46 -33.70 -11.64
C GLU C 118 6.87 -34.09 -11.17
N GLN C 119 7.76 -33.11 -11.06
CA GLN C 119 9.14 -33.43 -10.74
C GLN C 119 9.37 -33.56 -9.24
N TYR C 120 8.77 -32.68 -8.46
CA TYR C 120 9.07 -32.59 -7.04
C TYR C 120 7.93 -33.02 -6.14
N GLY C 121 6.74 -33.29 -6.68
CA GLY C 121 5.62 -33.65 -5.85
C GLY C 121 5.75 -35.05 -5.29
N LEU C 122 5.14 -35.25 -4.13
CA LEU C 122 5.06 -36.60 -3.52
C LEU C 122 3.91 -37.37 -4.14
N ASN D 4 -14.06 5.64 12.28
CA ASN D 4 -15.03 5.02 13.22
C ASN D 4 -15.13 3.52 12.98
N SER D 5 -14.03 2.88 12.58
CA SER D 5 -13.96 1.45 12.22
C SER D 5 -12.53 0.91 12.34
N PHE D 6 -12.40 -0.38 12.60
CA PHE D 6 -11.12 -1.06 12.64
C PHE D 6 -10.69 -1.63 11.29
N VAL D 7 -11.55 -1.59 10.28
CA VAL D 7 -11.22 -2.15 8.98
C VAL D 7 -10.03 -1.39 8.40
N GLY D 8 -9.05 -2.15 7.89
CA GLY D 8 -7.87 -1.57 7.31
C GLY D 8 -6.72 -1.38 8.27
N LEU D 9 -6.95 -1.54 9.57
CA LEU D 9 -5.90 -1.36 10.56
C LEU D 9 -5.08 -2.64 10.69
N ARG D 10 -3.77 -2.47 10.81
CA ARG D 10 -2.89 -3.62 11.02
C ARG D 10 -2.97 -4.08 12.47
N VAL D 11 -2.84 -5.39 12.67
CA VAL D 11 -2.96 -5.98 13.99
C VAL D 11 -2.05 -7.18 14.09
N VAL D 12 -2.00 -7.77 15.29
CA VAL D 12 -1.32 -9.03 15.54
CA VAL D 12 -1.33 -9.04 15.52
C VAL D 12 -2.33 -9.91 16.29
N ALA D 13 -2.75 -11.00 15.65
N ALA D 13 -2.78 -10.99 15.65
CA ALA D 13 -3.89 -11.78 16.12
CA ALA D 13 -3.92 -11.76 16.14
C ALA D 13 -3.59 -13.27 16.11
C ALA D 13 -3.53 -13.20 16.38
N LYS D 14 -4.29 -14.00 16.97
N LYS D 14 -4.07 -13.77 17.45
CA LYS D 14 -4.23 -15.45 17.06
CA LYS D 14 -3.78 -15.15 17.83
C LYS D 14 -5.45 -16.04 16.37
C LYS D 14 -4.16 -16.10 16.68
N TRP D 15 -5.23 -16.96 15.43
N TRP D 15 -3.68 -17.33 16.80
CA TRP D 15 -6.31 -17.55 14.66
CA TRP D 15 -3.99 -18.37 15.83
C TRP D 15 -6.55 -19.03 14.95
C TRP D 15 -5.33 -19.01 16.17
N SER D 16 -5.58 -19.73 15.50
N SER D 16 -5.48 -20.30 15.90
CA SER D 16 -5.68 -21.16 15.76
CA SER D 16 -6.72 -21.01 16.23
C SER D 16 -5.44 -21.45 17.24
C SER D 16 -6.46 -22.44 16.68
N SER D 17 -5.54 -22.74 17.59
N SER D 17 -5.21 -22.80 17.00
CA SER D 17 -5.18 -23.19 18.92
CA SER D 17 -4.87 -24.14 17.46
C SER D 17 -3.67 -23.35 19.10
C SER D 17 -3.93 -24.06 18.65
N ASN D 18 -2.90 -23.33 18.01
N ASN D 18 -4.19 -23.11 19.55
CA ASN D 18 -1.44 -23.31 18.12
CA ASN D 18 -3.33 -22.93 20.73
C ASN D 18 -0.99 -22.24 19.12
C ASN D 18 -1.90 -22.66 20.29
N GLY D 19 -1.64 -21.09 19.08
N GLY D 19 -1.56 -21.39 20.05
CA GLY D 19 -1.55 -20.11 20.15
CA GLY D 19 -0.25 -21.08 19.52
C GLY D 19 -0.82 -18.82 19.80
C GLY D 19 0.27 -19.67 19.69
N TYR D 20 -0.03 -18.80 18.73
CA TYR D 20 0.78 -17.61 18.50
C TYR D 20 -0.03 -16.53 17.80
N PHE D 21 0.35 -15.27 18.09
CA PHE D 21 -0.24 -14.11 17.43
C PHE D 21 0.65 -13.71 16.26
N TYR D 22 0.04 -13.49 15.09
CA TYR D 22 0.76 -13.21 13.87
C TYR D 22 0.31 -11.88 13.27
N SER D 23 1.22 -11.25 12.52
CA SER D 23 0.96 -9.95 11.93
C SER D 23 -0.07 -10.06 10.82
N GLY D 24 -1.05 -9.17 10.84
CA GLY D 24 -2.05 -9.11 9.80
C GLY D 24 -2.76 -7.78 9.80
N LYS D 25 -3.94 -7.74 9.17
CA LYS D 25 -4.76 -6.54 9.15
C LYS D 25 -6.23 -6.94 9.06
N ILE D 26 -7.07 -6.15 9.71
CA ILE D 26 -8.51 -6.40 9.67
C ILE D 26 -9.03 -5.95 8.31
N THR D 27 -9.83 -6.80 7.67
CA THR D 27 -10.46 -6.48 6.39
C THR D 27 -11.98 -6.39 6.46
N ARG D 28 -12.61 -6.94 7.48
CA ARG D 28 -14.06 -6.88 7.62
C ARG D 28 -14.45 -6.98 9.08
N ASP D 29 -15.54 -6.29 9.42
CA ASP D 29 -16.26 -6.52 10.66
C ASP D 29 -17.43 -7.44 10.32
N VAL D 30 -17.33 -8.71 10.70
CA VAL D 30 -18.29 -9.71 10.30
C VAL D 30 -19.27 -10.05 11.43
N GLY D 31 -19.40 -9.17 12.42
CA GLY D 31 -20.36 -9.36 13.48
C GLY D 31 -19.99 -10.52 14.40
N ALA D 32 -20.82 -10.70 15.42
CA ALA D 32 -20.65 -11.77 16.40
C ALA D 32 -19.32 -11.65 17.14
N GLY D 33 -18.83 -10.42 17.30
CA GLY D 33 -17.56 -10.20 17.98
C GLY D 33 -16.37 -10.79 17.27
N LYS D 34 -16.47 -11.00 15.96
N LYS D 34 -16.45 -11.00 15.96
CA LYS D 34 -15.40 -11.54 15.14
CA LYS D 34 -15.33 -11.53 15.20
C LYS D 34 -14.98 -10.51 14.09
C LYS D 34 -15.05 -10.66 13.99
N TYR D 35 -13.81 -10.74 13.51
CA TYR D 35 -13.33 -9.93 12.40
C TYR D 35 -12.64 -10.84 11.39
N LYS D 36 -12.71 -10.46 10.13
CA LYS D 36 -11.96 -11.16 9.09
C LYS D 36 -10.57 -10.56 9.02
N LEU D 37 -9.55 -11.42 9.04
CA LEU D 37 -8.17 -10.98 9.08
CA LEU D 37 -8.17 -11.00 9.10
C LEU D 37 -7.44 -11.45 7.84
N LEU D 38 -6.51 -10.62 7.38
CA LEU D 38 -5.60 -10.96 6.28
C LEU D 38 -4.19 -10.96 6.85
N PHE D 39 -3.62 -12.14 7.04
CA PHE D 39 -2.26 -12.26 7.55
C PHE D 39 -1.25 -11.91 6.47
N ASP D 40 -0.06 -11.50 6.91
CA ASP D 40 0.96 -11.04 5.98
C ASP D 40 1.36 -12.11 4.97
N ASP D 41 1.06 -13.38 5.23
CA ASP D 41 1.39 -14.44 4.29
C ASP D 41 0.27 -14.72 3.29
N GLY D 42 -0.87 -14.03 3.39
CA GLY D 42 -1.95 -14.17 2.44
C GLY D 42 -3.14 -14.98 2.94
N TYR D 43 -3.03 -15.63 4.09
CA TYR D 43 -4.11 -16.43 4.62
C TYR D 43 -5.20 -15.55 5.22
N GLU D 44 -6.45 -15.89 4.97
CA GLU D 44 -7.60 -15.13 5.43
C GLU D 44 -8.53 -16.04 6.22
N CYS D 45 -9.05 -15.52 7.33
CA CYS D 45 -10.03 -16.26 8.14
C CYS D 45 -10.62 -15.30 9.16
N ASP D 46 -11.72 -15.74 9.77
CA ASP D 46 -12.38 -14.98 10.82
C ASP D 46 -11.73 -15.29 12.15
N VAL D 47 -11.63 -14.26 13.00
CA VAL D 47 -10.97 -14.39 14.30
C VAL D 47 -11.77 -13.59 15.32
N LEU D 48 -11.92 -14.16 16.52
CA LEU D 48 -12.62 -13.46 17.60
C LEU D 48 -11.83 -12.23 18.02
N GLY D 49 -12.56 -11.18 18.38
CA GLY D 49 -11.91 -9.95 18.82
C GLY D 49 -10.97 -10.15 19.99
N LYS D 50 -11.33 -11.07 20.90
CA LYS D 50 -10.49 -11.29 22.08
C LYS D 50 -9.12 -11.84 21.71
N ASP D 51 -8.96 -12.35 20.50
CA ASP D 51 -7.69 -12.88 20.02
C ASP D 51 -6.95 -11.92 19.11
N ILE D 52 -7.41 -10.67 19.01
CA ILE D 52 -6.80 -9.67 18.14
C ILE D 52 -6.21 -8.58 19.01
N LEU D 53 -4.95 -8.22 18.73
CA LEU D 53 -4.27 -7.13 19.41
C LEU D 53 -4.10 -5.99 18.42
N LEU D 54 -4.62 -4.81 18.77
CA LEU D 54 -4.59 -3.65 17.89
C LEU D 54 -3.26 -2.93 18.04
N CYS D 55 -2.21 -3.57 17.53
CA CYS D 55 -0.84 -3.08 17.64
C CYS D 55 -0.27 -2.87 16.24
N ASP D 56 0.14 -1.63 15.95
CA ASP D 56 0.82 -1.31 14.70
C ASP D 56 1.66 -0.07 14.89
N PRO D 57 2.97 -0.20 15.18
CA PRO D 57 3.73 -1.44 15.35
C PRO D 57 3.57 -2.03 16.74
N ILE D 58 4.18 -3.20 16.96
CA ILE D 58 4.23 -3.73 18.33
C ILE D 58 4.96 -2.72 19.22
N PRO D 59 4.41 -2.35 20.38
CA PRO D 59 5.03 -1.29 21.17
C PRO D 59 6.47 -1.61 21.55
N LEU D 60 7.26 -0.54 21.74
CA LEU D 60 8.63 -0.70 22.21
C LEU D 60 8.65 -1.33 23.59
N ASP D 61 9.74 -2.03 23.88
CA ASP D 61 9.98 -2.75 25.14
C ASP D 61 9.10 -3.97 25.30
N THR D 62 8.39 -4.39 24.25
CA THR D 62 7.57 -5.58 24.32
C THR D 62 8.42 -6.83 24.11
N GLU D 63 8.16 -7.86 24.90
CA GLU D 63 8.81 -9.15 24.70
C GLU D 63 8.09 -9.90 23.58
N VAL D 64 8.85 -10.32 22.58
CA VAL D 64 8.30 -10.93 21.38
C VAL D 64 9.11 -12.17 21.03
N THR D 65 8.67 -12.87 19.99
CA THR D 65 9.38 -14.01 19.44
C THR D 65 9.80 -13.67 18.02
N ALA D 66 11.10 -13.74 17.74
CA ALA D 66 11.64 -13.36 16.45
C ALA D 66 11.96 -14.62 15.65
N LEU D 67 11.29 -14.78 14.52
CA LEU D 67 11.45 -15.97 13.70
C LEU D 67 12.70 -15.87 12.83
N SER D 68 13.43 -16.98 12.75
CA SER D 68 14.52 -17.14 11.80
C SER D 68 14.60 -18.62 11.46
N GLU D 69 15.32 -18.93 10.39
CA GLU D 69 15.34 -20.29 9.87
C GLU D 69 15.74 -21.27 10.97
N ASP D 70 14.85 -22.24 11.23
CA ASP D 70 15.03 -23.28 12.24
C ASP D 70 14.94 -22.75 13.66
N GLU D 71 14.38 -21.56 13.85
CA GLU D 71 14.19 -20.98 15.18
CA GLU D 71 14.19 -20.97 15.17
C GLU D 71 12.74 -20.55 15.30
N TYR D 72 12.01 -21.20 16.22
CA TYR D 72 10.59 -20.94 16.40
C TYR D 72 10.25 -20.33 17.75
N PHE D 73 11.20 -20.30 18.70
CA PHE D 73 10.91 -19.83 20.05
C PHE D 73 11.95 -18.83 20.55
N SER D 74 12.69 -18.19 19.66
CA SER D 74 13.71 -17.24 20.06
C SER D 74 13.04 -15.94 20.53
N ALA D 75 13.07 -15.70 21.83
CA ALA D 75 12.42 -14.53 22.41
C ALA D 75 13.38 -13.35 22.48
N GLY D 76 12.83 -12.16 22.31
CA GLY D 76 13.60 -10.93 22.39
C GLY D 76 12.76 -9.76 22.83
N VAL D 77 13.34 -8.56 22.82
CA VAL D 77 12.66 -7.35 23.25
C VAL D 77 12.76 -6.32 22.13
N VAL D 78 11.62 -5.75 21.76
CA VAL D 78 11.60 -4.70 20.74
C VAL D 78 12.23 -3.44 21.33
N LYS D 79 13.33 -2.99 20.72
CA LYS D 79 14.02 -1.79 21.17
C LYS D 79 14.02 -0.68 20.13
N GLY D 80 13.48 -0.93 18.94
CA GLY D 80 13.45 0.11 17.92
C GLY D 80 12.52 -0.27 16.78
N HIS D 81 12.10 0.76 16.05
CA HIS D 81 11.32 0.61 14.84
C HIS D 81 11.98 1.42 13.72
N ARG D 82 11.98 0.87 12.52
CA ARG D 82 12.54 1.56 11.37
C ARG D 82 11.67 1.29 10.16
N LYS D 83 11.48 2.31 9.33
CA LYS D 83 10.71 2.22 8.09
C LYS D 83 11.67 2.41 6.92
N GLU D 84 11.83 1.38 6.10
CA GLU D 84 12.73 1.42 4.95
C GLU D 84 11.97 0.94 3.72
N SER D 85 11.91 1.78 2.70
CA SER D 85 11.24 1.42 1.44
C SER D 85 9.80 0.99 1.68
N GLY D 86 9.14 1.64 2.63
CA GLY D 86 7.75 1.35 2.93
C GLY D 86 7.52 0.10 3.72
N GLU D 87 8.55 -0.46 4.35
CA GLU D 87 8.42 -1.69 5.11
C GLU D 87 8.92 -1.48 6.53
N LEU D 88 8.19 -2.04 7.49
CA LEU D 88 8.54 -1.91 8.91
C LEU D 88 9.57 -2.96 9.30
N TYR D 89 10.61 -2.52 9.99
CA TYR D 89 11.63 -3.40 10.55
C TYR D 89 11.66 -3.23 12.06
N TYR D 90 11.81 -4.34 12.78
CA TYR D 90 11.90 -4.34 14.23
C TYR D 90 13.34 -4.53 14.66
N SER D 91 13.79 -3.73 15.62
CA SER D 91 15.09 -3.92 16.26
C SER D 91 14.87 -4.76 17.51
N ILE D 92 15.30 -6.01 17.47
CA ILE D 92 15.06 -6.97 18.55
C ILE D 92 16.36 -7.16 19.32
N GLU D 93 16.28 -7.04 20.64
CA GLU D 93 17.44 -7.20 21.52
C GLU D 93 17.35 -8.54 22.23
N LYS D 94 18.45 -9.29 22.19
CA LYS D 94 18.54 -10.56 22.91
C LYS D 94 19.99 -10.78 23.31
N GLU D 95 20.23 -10.91 24.62
CA GLU D 95 21.56 -11.18 25.14
C GLU D 95 22.56 -10.10 24.70
N GLY D 96 22.15 -8.85 24.91
CA GLY D 96 23.01 -7.70 24.67
C GLY D 96 23.04 -7.20 23.24
N GLN D 97 22.89 -8.08 22.26
CA GLN D 97 23.00 -7.71 20.86
C GLN D 97 21.62 -7.44 20.27
N ARG D 98 21.58 -6.55 19.28
CA ARG D 98 20.36 -6.18 18.58
C ARG D 98 20.45 -6.60 17.13
N LYS D 99 19.35 -7.11 16.59
CA LYS D 99 19.26 -7.50 15.20
C LYS D 99 17.96 -6.97 14.60
N TRP D 100 17.96 -6.78 13.29
CA TRP D 100 16.80 -6.27 12.57
C TRP D 100 15.99 -7.43 11.99
N TYR D 101 14.69 -7.41 12.24
CA TYR D 101 13.76 -8.39 11.69
C TYR D 101 12.66 -7.65 10.96
N LYS D 102 12.19 -8.23 9.85
CA LYS D 102 11.03 -7.68 9.17
C LYS D 102 9.76 -7.96 9.99
N ARG D 103 8.75 -7.10 9.77
CA ARG D 103 7.50 -7.21 10.52
C ARG D 103 6.98 -8.65 10.53
N MET D 104 7.00 -9.30 9.37
CA MET D 104 6.39 -10.61 9.24
C MET D 104 7.04 -11.65 10.17
N ALA D 105 8.29 -11.44 10.56
CA ALA D 105 9.01 -12.42 11.36
C ALA D 105 8.82 -12.23 12.85
N VAL D 106 8.14 -11.17 13.29
CA VAL D 106 7.99 -10.86 14.69
C VAL D 106 6.59 -11.30 15.13
N ILE D 107 6.54 -12.30 16.02
CA ILE D 107 5.29 -12.86 16.49
C ILE D 107 5.28 -12.83 18.01
N LEU D 108 4.13 -13.19 18.58
CA LEU D 108 3.96 -13.22 20.03
C LEU D 108 3.42 -14.58 20.45
N SER D 109 4.03 -15.16 21.48
CA SER D 109 3.47 -16.34 22.10
C SER D 109 2.19 -15.97 22.86
N LEU D 110 1.47 -16.99 23.31
CA LEU D 110 0.27 -16.75 24.10
C LEU D 110 0.60 -15.95 25.35
N GLU D 111 1.67 -16.33 26.06
CA GLU D 111 2.08 -15.59 27.24
C GLU D 111 2.50 -14.17 26.87
N GLN D 112 3.25 -14.01 25.79
CA GLN D 112 3.69 -12.68 25.37
C GLN D 112 2.51 -11.83 24.93
N GLY D 113 1.53 -12.45 24.24
CA GLY D 113 0.37 -11.69 23.79
C GLY D 113 -0.53 -11.26 24.93
N ASN D 114 -0.68 -12.13 25.95
CA ASN D 114 -1.54 -11.79 27.08
C ASN D 114 -1.10 -10.50 27.76
N ARG D 115 0.20 -10.22 27.78
CA ARG D 115 0.68 -8.99 28.41
C ARG D 115 0.10 -7.75 27.75
N LEU D 116 -0.26 -7.86 26.47
CA LEU D 116 -0.87 -6.75 25.73
C LEU D 116 -2.38 -6.86 25.63
N ARG D 117 -2.97 -7.96 26.08
CA ARG D 117 -4.40 -8.18 25.93
C ARG D 117 -5.21 -7.03 26.53
N GLU D 118 -4.90 -6.67 27.79
CA GLU D 118 -5.69 -5.68 28.48
C GLU D 118 -5.71 -4.35 27.74
N GLN D 119 -4.56 -3.90 27.25
CA GLN D 119 -4.44 -2.57 26.67
C GLN D 119 -4.84 -2.53 25.20
N TYR D 120 -4.51 -3.56 24.43
CA TYR D 120 -4.70 -3.56 22.99
C TYR D 120 -5.72 -4.57 22.50
N GLY D 121 -6.26 -5.41 23.38
CA GLY D 121 -7.19 -6.43 22.93
C GLY D 121 -8.52 -5.85 22.49
N LEU D 122 -9.16 -6.56 21.55
CA LEU D 122 -10.48 -6.18 21.06
C LEU D 122 -11.58 -7.05 21.66
N GLY D 123 -11.30 -7.74 22.76
CA GLY D 123 -12.30 -8.57 23.40
C GLY D 123 -13.50 -7.79 23.89
N ASN E 4 10.98 -38.38 -18.48
CA ASN E 4 11.02 -39.83 -18.59
C ASN E 4 12.30 -40.31 -19.25
N SER E 5 13.39 -39.56 -19.02
CA SER E 5 14.69 -39.90 -19.60
C SER E 5 15.73 -38.97 -18.99
N PHE E 6 17.00 -39.38 -19.13
CA PHE E 6 18.12 -38.59 -18.63
C PHE E 6 18.82 -37.81 -19.73
N VAL E 7 18.39 -37.94 -20.98
CA VAL E 7 19.04 -37.24 -22.08
C VAL E 7 18.78 -35.74 -21.95
N GLY E 8 19.83 -34.94 -22.10
CA GLY E 8 19.70 -33.50 -22.03
C GLY E 8 19.96 -32.91 -20.66
N LEU E 9 20.06 -33.73 -19.62
CA LEU E 9 20.25 -33.24 -18.26
C LEU E 9 21.72 -32.99 -18.00
N ARG E 10 22.01 -31.95 -17.22
CA ARG E 10 23.38 -31.63 -16.83
C ARG E 10 23.77 -32.44 -15.59
N VAL E 11 25.04 -32.84 -15.56
CA VAL E 11 25.53 -33.73 -14.51
C VAL E 11 26.97 -33.39 -14.17
N VAL E 12 27.52 -34.07 -13.19
CA VAL E 12 28.95 -34.05 -12.89
C VAL E 12 29.40 -35.50 -12.86
N ALA E 13 30.37 -35.85 -13.71
CA ALA E 13 30.70 -37.25 -13.96
C ALA E 13 32.20 -37.48 -13.81
N LYS E 14 32.52 -38.64 -13.23
CA LYS E 14 33.90 -38.94 -12.86
C LYS E 14 34.76 -39.18 -14.08
N TRP E 15 36.02 -38.74 -13.99
CA TRP E 15 37.03 -39.02 -14.99
C TRP E 15 37.92 -40.15 -14.47
N SER E 16 38.16 -41.16 -15.32
CA SER E 16 38.71 -42.42 -14.84
C SER E 16 40.10 -42.22 -14.23
N SER E 17 40.99 -41.53 -14.93
CA SER E 17 42.38 -41.43 -14.49
C SER E 17 42.51 -40.79 -13.12
N ASN E 18 42.28 -39.48 -13.03
CA ASN E 18 42.46 -38.77 -11.77
C ASN E 18 41.31 -39.05 -10.80
N GLY E 19 40.17 -39.53 -11.29
CA GLY E 19 39.03 -39.80 -10.44
C GLY E 19 38.28 -38.56 -10.00
N TYR E 20 38.22 -37.53 -10.85
CA TYR E 20 37.52 -36.29 -10.54
C TYR E 20 36.24 -36.20 -11.36
N PHE E 21 35.20 -35.60 -10.76
CA PHE E 21 33.94 -35.40 -11.44
C PHE E 21 33.93 -34.01 -12.08
N TYR E 22 33.56 -33.95 -13.36
CA TYR E 22 33.55 -32.70 -14.11
C TYR E 22 32.15 -32.41 -14.63
N SER E 23 31.84 -31.12 -14.73
CA SER E 23 30.56 -30.68 -15.27
C SER E 23 30.38 -31.17 -16.70
N GLY E 24 29.21 -31.73 -16.98
CA GLY E 24 28.91 -32.25 -18.30
C GLY E 24 27.42 -32.32 -18.53
N LYS E 25 27.06 -33.00 -19.62
CA LYS E 25 25.67 -33.08 -20.06
C LYS E 25 25.45 -34.43 -20.74
N ILE E 26 24.44 -35.17 -20.27
CA ILE E 26 24.11 -36.44 -20.89
C ILE E 26 23.48 -36.17 -22.25
N THR E 27 23.97 -36.88 -23.28
CA THR E 27 23.50 -36.67 -24.65
C THR E 27 22.74 -37.88 -25.21
N ARG E 28 22.94 -39.08 -24.66
CA ARG E 28 22.26 -40.26 -25.17
CA ARG E 28 22.26 -40.26 -25.17
C ARG E 28 22.55 -41.48 -24.29
N ASP E 29 21.50 -42.15 -23.84
CA ASP E 29 21.63 -43.38 -23.08
C ASP E 29 22.00 -44.51 -24.04
N VAL E 30 23.20 -45.05 -23.90
CA VAL E 30 23.71 -46.06 -24.81
C VAL E 30 23.58 -47.47 -24.21
N GLY E 31 22.71 -47.64 -23.21
CA GLY E 31 22.53 -48.94 -22.61
C GLY E 31 23.80 -49.45 -21.96
N ALA E 32 23.71 -50.71 -21.51
CA ALA E 32 24.83 -51.38 -20.83
C ALA E 32 25.30 -50.58 -19.62
N GLY E 33 24.37 -49.87 -18.98
CA GLY E 33 24.74 -49.03 -17.85
C GLY E 33 25.65 -47.87 -18.20
N LYS E 34 25.76 -47.53 -19.48
CA LYS E 34 26.62 -46.46 -19.94
C LYS E 34 25.79 -45.33 -20.53
N TYR E 35 26.33 -44.12 -20.44
CA TYR E 35 25.72 -42.93 -21.01
C TYR E 35 26.76 -42.15 -21.79
N LYS E 36 26.36 -41.61 -22.93
CA LYS E 36 27.23 -40.73 -23.71
C LYS E 36 27.20 -39.35 -23.06
N LEU E 37 28.36 -38.87 -22.64
N LEU E 37 28.36 -38.89 -22.59
CA LEU E 37 28.47 -37.63 -21.87
CA LEU E 37 28.47 -37.63 -21.87
C LEU E 37 29.31 -36.61 -22.62
C LEU E 37 29.26 -36.63 -22.70
N LEU E 38 28.83 -35.37 -22.66
CA LEU E 38 29.53 -34.26 -23.28
C LEU E 38 29.97 -33.32 -22.16
N PHE E 39 31.27 -33.22 -21.95
CA PHE E 39 31.80 -32.33 -20.93
C PHE E 39 31.81 -30.89 -21.45
N ASP E 40 31.87 -29.94 -20.50
CA ASP E 40 31.77 -28.53 -20.85
C ASP E 40 32.93 -28.08 -21.74
N ASP E 41 34.05 -28.79 -21.74
CA ASP E 41 35.18 -28.42 -22.57
C ASP E 41 35.07 -28.94 -23.99
N GLY E 42 34.01 -29.67 -24.32
CA GLY E 42 33.78 -30.13 -25.68
C GLY E 42 34.06 -31.60 -25.91
N TYR E 43 34.72 -32.28 -24.98
CA TYR E 43 35.03 -33.69 -25.15
C TYR E 43 33.80 -34.54 -24.84
N GLU E 44 33.52 -35.49 -25.73
CA GLU E 44 32.37 -36.38 -25.58
C GLU E 44 32.86 -37.82 -25.56
N CYS E 45 32.37 -38.60 -24.60
CA CYS E 45 32.74 -40.01 -24.48
C CYS E 45 31.66 -40.73 -23.68
N ASP E 46 31.82 -42.04 -23.56
CA ASP E 46 30.90 -42.87 -22.80
C ASP E 46 31.37 -42.98 -21.36
N VAL E 47 30.42 -42.98 -20.43
CA VAL E 47 30.72 -43.09 -19.00
CA VAL E 47 30.72 -43.09 -19.00
C VAL E 47 29.66 -43.97 -18.36
N LEU E 48 30.05 -44.68 -17.30
CA LEU E 48 29.14 -45.56 -16.60
C LEU E 48 28.17 -44.76 -15.74
N GLY E 49 26.99 -45.32 -15.53
CA GLY E 49 25.99 -44.64 -14.73
C GLY E 49 26.45 -44.39 -13.30
N LYS E 50 27.16 -45.35 -12.71
CA LYS E 50 27.62 -45.19 -11.33
C LYS E 50 28.60 -44.04 -11.18
N ASP E 51 29.18 -43.56 -12.28
CA ASP E 51 30.11 -42.45 -12.24
C ASP E 51 29.45 -41.12 -12.59
N ILE E 52 28.13 -41.08 -12.65
CA ILE E 52 27.38 -39.87 -12.99
C ILE E 52 26.64 -39.40 -11.75
N LEU E 53 26.80 -38.12 -11.41
CA LEU E 53 26.04 -37.48 -10.35
C LEU E 53 25.04 -36.53 -11.00
N LEU E 54 23.75 -36.82 -10.82
CA LEU E 54 22.68 -36.03 -11.45
C LEU E 54 22.48 -34.77 -10.59
N CYS E 55 23.47 -33.89 -10.64
CA CYS E 55 23.49 -32.65 -9.89
C CYS E 55 23.43 -31.49 -10.88
N ASP E 56 22.43 -30.62 -10.72
CA ASP E 56 22.34 -29.41 -11.52
C ASP E 56 21.45 -28.40 -10.80
N PRO E 57 22.02 -27.47 -10.02
CA PRO E 57 23.45 -27.27 -9.75
C PRO E 57 23.97 -28.18 -8.63
N ILE E 58 25.27 -28.13 -8.38
CA ILE E 58 25.81 -28.78 -7.18
C ILE E 58 25.17 -28.14 -5.95
N PRO E 59 24.58 -28.91 -5.04
CA PRO E 59 23.77 -28.30 -3.98
C PRO E 59 24.59 -27.45 -3.03
N LEU E 60 23.91 -26.47 -2.42
CA LEU E 60 24.53 -25.62 -1.42
C LEU E 60 25.13 -26.48 -0.30
N ASP E 61 26.21 -25.97 0.30
CA ASP E 61 26.94 -26.58 1.39
C ASP E 61 27.74 -27.80 0.97
N THR E 62 27.89 -28.05 -0.33
CA THR E 62 28.74 -29.13 -0.81
C THR E 62 30.19 -28.70 -0.82
N GLU E 63 31.07 -29.59 -0.36
CA GLU E 63 32.51 -29.36 -0.46
C GLU E 63 32.96 -29.72 -1.87
N VAL E 64 33.52 -28.74 -2.58
CA VAL E 64 33.91 -28.89 -3.96
C VAL E 64 35.38 -28.51 -4.11
N THR E 65 35.91 -28.70 -5.32
CA THR E 65 37.22 -28.23 -5.72
C THR E 65 37.03 -27.13 -6.75
N ALA E 66 37.52 -25.93 -6.45
CA ALA E 66 37.31 -24.75 -7.29
C ALA E 66 38.60 -24.44 -8.03
N LEU E 67 38.56 -24.52 -9.35
CA LEU E 67 39.76 -24.36 -10.16
C LEU E 67 40.08 -22.90 -10.39
N SER E 68 41.36 -22.57 -10.28
CA SER E 68 41.88 -21.26 -10.65
C SER E 68 43.33 -21.47 -11.10
N GLU E 69 43.89 -20.45 -11.73
CA GLU E 69 45.19 -20.61 -12.37
C GLU E 69 46.24 -21.05 -11.37
N ASP E 70 46.91 -22.16 -11.67
CA ASP E 70 47.97 -22.74 -10.85
C ASP E 70 47.45 -23.31 -9.54
N GLU E 71 46.17 -23.69 -9.48
N GLU E 71 46.17 -23.67 -9.48
CA GLU E 71 45.58 -24.29 -8.30
CA GLU E 71 45.58 -24.29 -8.29
C GLU E 71 44.65 -25.41 -8.74
C GLU E 71 44.65 -25.41 -8.74
N TYR E 72 44.96 -26.64 -8.31
CA TYR E 72 44.23 -27.82 -8.74
C TYR E 72 43.54 -28.57 -7.61
N PHE E 73 43.89 -28.33 -6.35
CA PHE E 73 43.34 -29.07 -5.22
C PHE E 73 42.74 -28.11 -4.19
N SER E 74 42.34 -26.92 -4.62
CA SER E 74 41.83 -25.91 -3.69
C SER E 74 40.36 -26.22 -3.39
N ALA E 75 40.09 -26.63 -2.16
CA ALA E 75 38.74 -27.02 -1.75
C ALA E 75 37.99 -25.84 -1.16
N GLY E 76 36.67 -25.85 -1.34
CA GLY E 76 35.79 -24.85 -0.78
C GLY E 76 34.40 -25.42 -0.61
N VAL E 77 33.49 -24.59 -0.12
CA VAL E 77 32.11 -24.99 0.13
C VAL E 77 31.19 -24.08 -0.68
N VAL E 78 30.21 -24.70 -1.36
CA VAL E 78 29.24 -23.94 -2.13
C VAL E 78 28.33 -23.19 -1.15
N LYS E 79 28.28 -21.87 -1.30
CA LYS E 79 27.43 -21.04 -0.46
C LYS E 79 26.42 -20.23 -1.25
N GLY E 80 26.43 -20.31 -2.58
CA GLY E 80 25.49 -19.55 -3.38
C GLY E 80 25.48 -20.01 -4.82
N HIS E 81 24.37 -19.73 -5.48
CA HIS E 81 24.21 -19.93 -6.91
C HIS E 81 23.69 -18.63 -7.51
N ARG E 82 24.08 -18.38 -8.76
CA ARG E 82 23.61 -17.20 -9.48
C ARG E 82 23.59 -17.49 -10.96
N LYS E 83 22.47 -17.22 -11.61
CA LYS E 83 22.38 -17.28 -13.06
C LYS E 83 22.48 -15.87 -13.62
N GLU E 84 23.30 -15.70 -14.66
CA GLU E 84 23.50 -14.40 -15.28
C GLU E 84 23.77 -14.60 -16.76
N SER E 85 22.86 -14.09 -17.59
CA SER E 85 22.97 -14.22 -19.05
C SER E 85 22.97 -15.69 -19.46
N GLY E 86 22.18 -16.49 -18.77
CA GLY E 86 22.04 -17.90 -19.13
C GLY E 86 23.19 -18.78 -18.71
N GLU E 87 24.01 -18.33 -17.76
CA GLU E 87 25.15 -19.11 -17.28
C GLU E 87 25.11 -19.19 -15.76
N LEU E 88 25.50 -20.34 -15.23
CA LEU E 88 25.50 -20.56 -13.80
C LEU E 88 26.85 -20.19 -13.20
N TYR E 89 26.80 -19.47 -12.07
CA TYR E 89 27.99 -19.16 -11.29
C TYR E 89 27.83 -19.72 -9.88
N TYR E 90 28.92 -20.24 -9.33
CA TYR E 90 28.95 -20.74 -7.97
C TYR E 90 29.68 -19.75 -7.06
N SER E 91 29.14 -19.54 -5.86
CA SER E 91 29.80 -18.79 -4.81
C SER E 91 30.47 -19.79 -3.88
N ILE E 92 31.80 -19.81 -3.89
CA ILE E 92 32.60 -20.80 -3.17
C ILE E 92 33.30 -20.11 -2.01
N GLU E 93 33.13 -20.65 -0.81
CA GLU E 93 33.74 -20.08 0.38
C GLU E 93 34.97 -20.88 0.77
N LYS E 94 36.06 -20.17 1.06
CA LYS E 94 37.30 -20.79 1.54
C LYS E 94 37.94 -19.85 2.54
N GLU E 95 38.07 -20.31 3.78
CA GLU E 95 38.75 -19.55 4.84
C GLU E 95 38.09 -18.18 5.03
N GLY E 96 36.77 -18.19 5.17
CA GLY E 96 36.03 -16.99 5.49
C GLY E 96 35.82 -16.02 4.35
N GLN E 97 36.28 -16.34 3.14
CA GLN E 97 36.11 -15.47 1.98
C GLN E 97 35.38 -16.23 0.89
N ARG E 98 34.56 -15.51 0.13
CA ARG E 98 33.78 -16.09 -0.96
C ARG E 98 34.24 -15.49 -2.29
N LYS E 99 34.34 -16.35 -3.30
CA LYS E 99 34.67 -15.93 -4.66
C LYS E 99 33.71 -16.60 -5.63
N TRP E 100 33.49 -15.95 -6.76
CA TRP E 100 32.60 -16.48 -7.78
C TRP E 100 33.38 -17.35 -8.77
N TYR E 101 32.77 -18.48 -9.13
CA TYR E 101 33.36 -19.43 -10.07
C TYR E 101 32.31 -19.83 -11.09
N LYS E 102 32.71 -19.91 -12.35
CA LYS E 102 31.83 -20.46 -13.37
C LYS E 102 31.63 -21.95 -13.16
N ARG E 103 30.49 -22.46 -13.64
CA ARG E 103 30.16 -23.87 -13.50
C ARG E 103 31.34 -24.76 -13.89
N MET E 104 31.90 -24.51 -15.08
CA MET E 104 32.97 -25.36 -15.62
C MET E 104 34.17 -25.46 -14.68
N ALA E 105 34.38 -24.49 -13.79
CA ALA E 105 35.54 -24.48 -12.92
C ALA E 105 35.31 -25.16 -11.58
N VAL E 106 34.12 -25.68 -11.33
CA VAL E 106 33.80 -26.32 -10.05
C VAL E 106 33.72 -27.82 -10.29
N ILE E 107 34.69 -28.56 -9.75
CA ILE E 107 34.77 -30.00 -9.94
C ILE E 107 34.70 -30.68 -8.57
N LEU E 108 34.73 -32.01 -8.56
CA LEU E 108 34.68 -32.79 -7.33
C LEU E 108 35.75 -33.87 -7.36
N SER E 109 36.56 -33.95 -6.30
CA SER E 109 37.45 -35.08 -6.16
C SER E 109 36.64 -36.36 -5.93
N LEU E 110 37.35 -37.49 -5.91
CA LEU E 110 36.67 -38.77 -5.67
C LEU E 110 35.94 -38.76 -4.33
N GLU E 111 36.62 -38.31 -3.28
CA GLU E 111 35.99 -38.28 -1.96
C GLU E 111 34.80 -37.33 -1.92
N GLN E 112 34.95 -36.14 -2.54
CA GLN E 112 33.88 -35.17 -2.54
C GLN E 112 32.68 -35.67 -3.35
N GLY E 113 32.93 -36.39 -4.43
CA GLY E 113 31.85 -36.94 -5.21
C GLY E 113 31.17 -38.10 -4.52
N ASN E 114 31.95 -38.94 -3.83
CA ASN E 114 31.36 -40.06 -3.11
C ASN E 114 30.33 -39.59 -2.09
N ARG E 115 30.52 -38.40 -1.51
CA ARG E 115 29.57 -37.88 -0.55
C ARG E 115 28.21 -37.60 -1.17
N LEU E 116 28.13 -37.51 -2.50
CA LEU E 116 26.88 -37.27 -3.20
C LEU E 116 26.35 -38.52 -3.91
N ARG E 117 27.14 -39.59 -4.00
CA ARG E 117 26.74 -40.76 -4.77
C ARG E 117 25.38 -41.29 -4.32
N GLU E 118 25.20 -41.47 -3.01
CA GLU E 118 24.00 -42.12 -2.52
C GLU E 118 22.74 -41.37 -2.95
N GLN E 119 22.77 -40.04 -2.92
CA GLN E 119 21.60 -39.24 -3.21
C GLN E 119 21.44 -38.88 -4.69
N TYR E 120 22.55 -38.75 -5.41
CA TYR E 120 22.51 -38.26 -6.78
C TYR E 120 23.09 -39.22 -7.81
N GLY E 121 23.70 -40.32 -7.40
CA GLY E 121 24.30 -41.24 -8.35
C GLY E 121 23.25 -41.92 -9.22
N LEU E 122 23.70 -42.35 -10.40
CA LEU E 122 22.86 -43.10 -11.33
C LEU E 122 23.27 -44.56 -11.41
N GLY E 123 23.82 -45.10 -10.32
CA GLY E 123 24.23 -46.50 -10.28
C GLY E 123 23.12 -47.41 -9.82
N ASN F 4 66.61 -24.63 -18.91
CA ASN F 4 67.15 -25.06 -20.20
C ASN F 4 66.19 -25.99 -20.93
N SER F 5 65.24 -26.55 -20.19
CA SER F 5 64.24 -27.46 -20.74
C SER F 5 62.87 -26.79 -20.77
N PHE F 6 61.86 -27.55 -21.17
CA PHE F 6 60.49 -27.07 -21.24
C PHE F 6 59.68 -27.41 -20.00
N VAL F 7 60.27 -28.09 -19.01
CA VAL F 7 59.55 -28.45 -17.80
C VAL F 7 59.11 -27.19 -17.09
N GLY F 8 57.82 -27.13 -16.75
CA GLY F 8 57.26 -25.99 -16.06
C GLY F 8 56.63 -24.94 -16.93
N LEU F 9 56.88 -24.99 -18.25
CA LEU F 9 56.33 -23.99 -19.14
C LEU F 9 54.89 -24.31 -19.50
N ARG F 10 54.08 -23.26 -19.63
CA ARG F 10 52.68 -23.43 -20.02
C ARG F 10 52.57 -23.57 -21.52
N VAL F 11 51.58 -24.35 -21.95
CA VAL F 11 51.38 -24.69 -23.35
C VAL F 11 49.90 -24.88 -23.61
N VAL F 12 49.56 -25.05 -24.89
CA VAL F 12 48.25 -25.55 -25.32
C VAL F 12 48.52 -26.84 -26.09
N ALA F 13 47.85 -27.92 -25.70
N ALA F 13 47.85 -27.92 -25.70
CA ALA F 13 48.16 -29.23 -26.23
CA ALA F 13 48.17 -29.26 -26.21
C ALA F 13 46.88 -30.01 -26.50
C ALA F 13 46.94 -29.93 -26.79
N LYS F 14 46.98 -30.92 -27.47
N LYS F 14 47.07 -30.48 -27.99
CA LYS F 14 45.89 -31.80 -27.86
CA LYS F 14 45.98 -31.17 -28.64
C LYS F 14 46.27 -33.23 -27.47
C LYS F 14 45.56 -32.40 -27.85
N TRP F 15 45.52 -33.81 -26.54
N TRP F 15 44.27 -32.75 -27.96
CA TRP F 15 45.87 -35.10 -25.97
CA TRP F 15 43.68 -33.81 -27.16
C TRP F 15 45.14 -36.27 -26.58
C TRP F 15 43.65 -35.16 -27.86
N SER F 16 44.02 -36.03 -27.28
N SER F 16 43.87 -35.20 -29.18
CA SER F 16 43.24 -37.08 -27.92
CA SER F 16 43.97 -36.45 -29.93
C SER F 16 42.98 -36.71 -29.37
C SER F 16 42.60 -37.07 -30.16
N SER F 17 42.55 -37.70 -30.15
N SER F 17 41.93 -37.47 -29.09
CA SER F 17 42.24 -37.49 -31.55
CA SER F 17 40.60 -38.09 -29.21
C SER F 17 40.96 -36.67 -31.75
C SER F 17 39.53 -37.09 -29.63
N ASN F 18 40.27 -36.29 -30.68
N ASN F 18 39.86 -35.81 -29.77
CA ASN F 18 39.08 -35.45 -30.82
CA ASN F 18 38.89 -34.80 -30.20
C ASN F 18 39.40 -34.19 -31.63
C ASN F 18 39.46 -33.79 -31.19
N GLY F 19 40.52 -33.55 -31.31
N GLY F 19 40.75 -33.48 -31.15
CA GLY F 19 41.02 -32.47 -32.14
CA GLY F 19 41.35 -32.54 -32.08
C GLY F 19 40.85 -31.08 -31.58
C GLY F 19 41.50 -31.13 -31.56
N TYR F 20 41.16 -30.88 -30.30
CA TYR F 20 41.20 -29.54 -29.72
C TYR F 20 42.40 -29.42 -28.78
N PHE F 21 43.06 -28.26 -28.85
CA PHE F 21 44.17 -27.95 -27.97
C PHE F 21 43.64 -27.26 -26.72
N TYR F 22 44.10 -27.69 -25.56
CA TYR F 22 43.65 -27.16 -24.28
C TYR F 22 44.83 -26.61 -23.49
N SER F 23 44.53 -25.65 -22.62
CA SER F 23 45.56 -25.00 -21.79
C SER F 23 46.11 -25.99 -20.78
N GLY F 24 47.44 -26.05 -20.70
CA GLY F 24 48.09 -26.91 -19.74
C GLY F 24 49.53 -26.47 -19.52
N LYS F 25 50.31 -27.37 -18.93
N LYS F 25 50.32 -27.39 -18.96
CA LYS F 25 51.72 -27.10 -18.71
CA LYS F 25 51.71 -27.12 -18.61
C LYS F 25 52.49 -28.41 -18.79
C LYS F 25 52.52 -28.40 -18.71
N ILE F 26 53.76 -28.29 -19.16
CA ILE F 26 54.65 -29.44 -19.24
C ILE F 26 55.19 -29.73 -17.86
N THR F 27 55.12 -31.00 -17.44
CA THR F 27 55.63 -31.41 -16.14
C THR F 27 56.83 -32.34 -16.21
N ARG F 28 57.03 -33.05 -17.33
CA ARG F 28 58.17 -33.92 -17.47
C ARG F 28 58.50 -34.11 -18.94
N ASP F 29 59.79 -34.30 -19.22
CA ASP F 29 60.26 -34.76 -20.51
C ASP F 29 60.47 -36.27 -20.40
N VAL F 30 59.60 -37.04 -21.05
CA VAL F 30 59.62 -38.49 -20.92
C VAL F 30 60.32 -39.15 -22.11
N GLY F 31 61.11 -38.39 -22.87
CA GLY F 31 61.85 -38.93 -24.00
C GLY F 31 60.95 -39.42 -25.13
N ALA F 32 61.56 -39.87 -26.24
CA ALA F 32 60.78 -40.37 -27.40
C ALA F 32 59.84 -39.31 -27.95
N GLY F 33 60.24 -38.04 -27.84
CA GLY F 33 59.42 -36.95 -28.32
C GLY F 33 58.12 -36.74 -27.56
N LYS F 34 57.98 -37.33 -26.38
CA LYS F 34 56.77 -37.21 -25.57
C LYS F 34 57.04 -36.33 -24.37
N TYR F 35 55.98 -35.68 -23.88
CA TYR F 35 56.03 -34.88 -22.67
C TYR F 35 54.83 -35.21 -21.80
N LYS F 36 55.03 -35.25 -20.50
CA LYS F 36 53.91 -35.36 -19.57
C LYS F 36 53.33 -33.96 -19.36
N LEU F 37 52.02 -33.85 -19.54
CA LEU F 37 51.33 -32.57 -19.45
CA LEU F 37 51.33 -32.57 -19.45
C LEU F 37 50.35 -32.58 -18.28
N LEU F 38 50.15 -31.40 -17.70
CA LEU F 38 49.16 -31.18 -16.65
C LEU F 38 48.17 -30.16 -17.19
N PHE F 39 47.01 -30.63 -17.63
CA PHE F 39 45.96 -29.74 -18.10
C PHE F 39 45.38 -28.96 -16.92
N ASP F 40 44.81 -27.79 -17.23
CA ASP F 40 44.33 -26.90 -16.18
C ASP F 40 43.23 -27.54 -15.34
N ASP F 41 42.55 -28.58 -15.86
CA ASP F 41 41.53 -29.27 -15.09
C ASP F 41 42.11 -30.32 -14.14
N GLY F 42 43.42 -30.57 -14.20
CA GLY F 42 44.04 -31.55 -13.33
C GLY F 42 44.37 -32.87 -14.00
N TYR F 43 43.87 -33.11 -15.21
CA TYR F 43 44.18 -34.35 -15.90
C TYR F 43 45.63 -34.36 -16.38
N GLU F 44 46.30 -35.49 -16.19
CA GLU F 44 47.70 -35.67 -16.56
C GLU F 44 47.84 -36.84 -17.51
N CYS F 45 48.65 -36.67 -18.54
CA CYS F 45 48.91 -37.73 -19.50
C CYS F 45 50.10 -37.32 -20.36
N ASP F 46 50.67 -38.31 -21.07
CA ASP F 46 51.75 -38.06 -22.00
C ASP F 46 51.20 -37.62 -23.34
N VAL F 47 51.91 -36.70 -24.00
CA VAL F 47 51.48 -36.10 -25.24
C VAL F 47 52.68 -35.94 -26.15
N LEU F 48 52.49 -36.24 -27.44
CA LEU F 48 53.56 -36.09 -28.41
C LEU F 48 53.92 -34.63 -28.61
N GLY F 49 55.21 -34.37 -28.78
CA GLY F 49 55.66 -33.00 -28.96
C GLY F 49 54.95 -32.29 -30.10
N LYS F 50 54.69 -33.00 -31.20
CA LYS F 50 54.02 -32.39 -32.34
C LYS F 50 52.62 -31.91 -32.00
N ASP F 51 52.06 -32.34 -30.87
CA ASP F 51 50.73 -31.94 -30.45
C ASP F 51 50.75 -30.86 -29.39
N ILE F 52 51.90 -30.24 -29.15
CA ILE F 52 52.06 -29.25 -28.08
C ILE F 52 52.48 -27.93 -28.73
N LEU F 53 51.74 -26.86 -28.39
CA LEU F 53 52.05 -25.51 -28.85
C LEU F 53 52.64 -24.76 -27.66
N LEU F 54 53.92 -24.38 -27.78
CA LEU F 54 54.64 -23.71 -26.69
C LEU F 54 54.38 -22.20 -26.78
N CYS F 55 53.16 -21.81 -26.39
CA CYS F 55 52.80 -20.41 -26.36
C CYS F 55 52.04 -20.11 -25.07
N ASP F 56 52.52 -19.12 -24.32
CA ASP F 56 51.87 -18.65 -23.12
C ASP F 56 52.16 -17.16 -22.98
N PRO F 57 51.18 -16.27 -23.21
CA PRO F 57 49.78 -16.57 -23.57
C PRO F 57 49.62 -16.91 -25.06
N ILE F 58 48.41 -17.26 -25.45
CA ILE F 58 48.12 -17.37 -26.89
C ILE F 58 48.34 -16.03 -27.54
N PRO F 59 49.07 -15.93 -28.66
CA PRO F 59 49.45 -14.62 -29.19
C PRO F 59 48.24 -13.79 -29.61
N LEU F 60 48.42 -12.48 -29.60
CA LEU F 60 47.40 -11.57 -30.11
C LEU F 60 47.07 -11.89 -31.57
N ASP F 61 45.82 -11.63 -31.94
CA ASP F 61 45.30 -11.82 -33.30
C ASP F 61 45.20 -13.29 -33.68
N THR F 62 45.31 -14.21 -32.72
CA THR F 62 45.09 -15.63 -32.99
C THR F 62 43.60 -15.93 -32.99
N GLU F 63 43.14 -16.65 -34.00
CA GLU F 63 41.77 -17.15 -34.01
C GLU F 63 41.67 -18.35 -33.08
N VAL F 64 40.69 -18.32 -32.18
CA VAL F 64 40.56 -19.32 -31.13
C VAL F 64 39.08 -19.65 -30.96
N THR F 65 38.82 -20.63 -30.09
CA THR F 65 37.48 -21.01 -29.69
C THR F 65 37.30 -20.66 -28.21
N ALA F 66 36.25 -19.94 -27.89
CA ALA F 66 36.00 -19.45 -26.54
C ALA F 66 34.81 -20.20 -25.94
N LEU F 67 35.05 -20.92 -24.86
CA LEU F 67 34.03 -21.75 -24.25
C LEU F 67 33.14 -20.94 -23.33
N SER F 68 31.84 -21.22 -23.39
CA SER F 68 30.87 -20.72 -22.42
C SER F 68 29.76 -21.77 -22.29
N GLU F 69 28.94 -21.64 -21.26
CA GLU F 69 27.92 -22.64 -20.98
C GLU F 69 27.05 -22.88 -22.21
N ASP F 70 27.05 -24.13 -22.68
CA ASP F 70 26.26 -24.57 -23.83
C ASP F 70 26.80 -24.05 -25.16
N GLU F 71 28.06 -23.59 -25.20
CA GLU F 71 28.70 -23.15 -26.43
C GLU F 71 30.05 -23.83 -26.55
N TYR F 72 30.23 -24.62 -27.61
CA TYR F 72 31.43 -25.42 -27.79
C TYR F 72 32.24 -25.05 -29.03
N PHE F 73 31.68 -24.26 -29.95
CA PHE F 73 32.35 -23.96 -31.22
C PHE F 73 32.37 -22.48 -31.52
N SER F 74 32.11 -21.62 -30.53
CA SER F 74 32.11 -20.18 -30.76
C SER F 74 33.54 -19.70 -31.02
N ALA F 75 33.78 -19.17 -32.21
CA ALA F 75 35.11 -18.73 -32.62
C ALA F 75 35.25 -17.22 -32.46
N GLY F 76 36.50 -16.79 -32.24
CA GLY F 76 36.80 -15.39 -32.10
C GLY F 76 38.29 -15.16 -32.25
N VAL F 77 38.70 -13.91 -32.06
CA VAL F 77 40.09 -13.51 -32.23
C VAL F 77 40.58 -12.88 -30.93
N VAL F 78 41.80 -13.24 -30.53
CA VAL F 78 42.42 -12.66 -29.34
C VAL F 78 42.87 -11.24 -29.67
N LYS F 79 42.39 -10.27 -28.88
CA LYS F 79 42.74 -8.88 -29.06
C LYS F 79 43.33 -8.24 -27.82
N GLY F 80 43.42 -8.96 -26.71
CA GLY F 80 43.99 -8.41 -25.50
C GLY F 80 44.31 -9.48 -24.48
N HIS F 81 45.20 -9.12 -23.56
CA HIS F 81 45.57 -9.97 -22.45
C HIS F 81 45.47 -9.13 -21.18
N ARG F 82 45.14 -9.80 -20.07
CA ARG F 82 45.02 -9.10 -18.79
C ARG F 82 45.32 -10.06 -17.65
N LYS F 83 46.21 -9.64 -16.76
CA LYS F 83 46.48 -10.34 -15.51
C LYS F 83 45.66 -9.70 -14.40
N GLU F 84 44.88 -10.53 -13.70
CA GLU F 84 44.03 -10.07 -12.59
C GLU F 84 44.17 -11.06 -11.46
N SER F 85 44.76 -10.62 -10.35
CA SER F 85 44.96 -11.48 -9.18
C SER F 85 45.74 -12.73 -9.53
N GLY F 86 46.76 -12.58 -10.38
CA GLY F 86 47.61 -13.69 -10.77
C GLY F 86 46.99 -14.66 -11.75
N GLU F 87 45.88 -14.29 -12.39
CA GLU F 87 45.22 -15.13 -13.37
C GLU F 87 45.15 -14.40 -14.70
N LEU F 88 45.29 -15.15 -15.79
CA LEU F 88 45.25 -14.59 -17.13
C LEU F 88 43.82 -14.56 -17.65
N TYR F 89 43.47 -13.46 -18.32
CA TYR F 89 42.20 -13.32 -19.00
C TYR F 89 42.45 -12.95 -20.45
N TYR F 90 41.65 -13.52 -21.36
CA TYR F 90 41.75 -13.23 -22.79
C TYR F 90 40.59 -12.32 -23.19
N SER F 91 40.90 -11.29 -23.97
CA SER F 91 39.87 -10.45 -24.57
C SER F 91 39.60 -10.98 -25.98
N ILE F 92 38.43 -11.60 -26.16
CA ILE F 92 38.08 -12.27 -27.40
C ILE F 92 37.09 -11.39 -28.16
N GLU F 93 37.40 -11.12 -29.42
CA GLU F 93 36.54 -10.30 -30.28
C GLU F 93 35.74 -11.20 -31.20
N LYS F 94 34.43 -10.96 -31.27
CA LYS F 94 33.56 -11.70 -32.17
C LYS F 94 32.42 -10.78 -32.61
N GLU F 95 32.28 -10.58 -33.92
CA GLU F 95 31.22 -9.73 -34.46
C GLU F 95 31.33 -8.30 -33.92
N GLY F 96 32.55 -7.77 -33.89
CA GLY F 96 32.78 -6.39 -33.53
C GLY F 96 32.76 -6.07 -32.05
N GLN F 97 32.52 -7.06 -31.19
CA GLN F 97 32.46 -6.84 -29.76
C GLN F 97 33.46 -7.74 -29.04
N ARG F 98 34.00 -7.26 -27.93
CA ARG F 98 35.01 -7.96 -27.16
C ARG F 98 34.45 -8.41 -25.83
N LYS F 99 34.78 -9.62 -25.42
CA LYS F 99 34.40 -10.18 -24.13
C LYS F 99 35.59 -10.85 -23.48
N TRP F 100 35.59 -10.87 -22.15
CA TRP F 100 36.69 -11.44 -21.38
C TRP F 100 36.44 -12.91 -21.09
N TYR F 101 37.49 -13.71 -21.22
CA TYR F 101 37.45 -15.13 -20.94
C TYR F 101 38.67 -15.52 -20.13
N LYS F 102 38.48 -16.36 -19.12
CA LYS F 102 39.61 -16.94 -18.41
C LYS F 102 40.40 -17.83 -19.37
N ARG F 103 41.73 -17.90 -19.14
CA ARG F 103 42.61 -18.74 -19.94
CA ARG F 103 42.55 -18.70 -20.03
C ARG F 103 42.03 -20.13 -20.14
N MET F 104 41.41 -20.68 -19.09
N MET F 104 41.42 -20.64 -19.08
CA MET F 104 40.94 -22.06 -19.15
CA MET F 104 40.88 -22.00 -19.08
C MET F 104 39.85 -22.24 -20.21
C MET F 104 39.88 -22.21 -20.19
N ALA F 105 39.09 -21.19 -20.52
CA ALA F 105 37.99 -21.30 -21.45
C ALA F 105 38.38 -21.06 -22.90
N VAL F 106 39.64 -20.73 -23.18
CA VAL F 106 40.08 -20.42 -24.54
C VAL F 106 40.84 -21.63 -25.06
N ILE F 107 40.29 -22.26 -26.10
CA ILE F 107 40.86 -23.46 -26.69
C ILE F 107 41.05 -23.23 -28.19
N LEU F 108 41.68 -24.21 -28.84
CA LEU F 108 41.95 -24.13 -30.27
C LEU F 108 41.46 -25.40 -30.95
N SER F 109 40.66 -25.23 -32.00
CA SER F 109 40.33 -26.37 -32.85
C SER F 109 41.59 -26.86 -33.55
N LEU F 110 41.45 -28.01 -34.23
CA LEU F 110 42.58 -28.56 -34.97
C LEU F 110 43.06 -27.58 -36.03
N GLU F 111 42.12 -26.98 -36.77
CA GLU F 111 42.49 -25.99 -37.77
C GLU F 111 43.16 -24.78 -37.13
N GLN F 112 42.61 -24.31 -36.02
CA GLN F 112 43.15 -23.12 -35.35
C GLN F 112 44.54 -23.41 -34.80
N GLY F 113 44.76 -24.60 -34.26
CA GLY F 113 46.08 -24.95 -33.73
C GLY F 113 47.11 -25.15 -34.81
N ASN F 114 46.72 -25.67 -35.96
CA ASN F 114 47.67 -25.88 -37.05
C ASN F 114 48.29 -24.57 -37.52
N ARG F 115 47.54 -23.47 -37.44
CA ARG F 115 48.07 -22.17 -37.85
C ARG F 115 49.25 -21.74 -36.99
N LEU F 116 49.38 -22.29 -35.78
CA LEU F 116 50.48 -21.98 -34.89
C LEU F 116 51.56 -23.05 -34.86
N ARG F 117 51.30 -24.22 -35.45
CA ARG F 117 52.19 -25.36 -35.28
C ARG F 117 53.60 -25.05 -35.77
N GLU F 118 53.71 -24.32 -36.88
CA GLU F 118 55.03 -24.07 -37.46
C GLU F 118 55.91 -23.24 -36.52
N GLN F 119 55.32 -22.25 -35.86
CA GLN F 119 56.10 -21.33 -35.03
C GLN F 119 56.26 -21.81 -33.59
N TYR F 120 55.24 -22.45 -33.02
CA TYR F 120 55.25 -22.81 -31.62
C TYR F 120 55.22 -24.31 -31.35
N GLY F 121 55.03 -25.14 -32.38
CA GLY F 121 54.96 -26.57 -32.15
C GLY F 121 56.28 -27.13 -31.66
N LEU F 122 56.17 -28.18 -30.83
CA LEU F 122 57.34 -28.88 -30.29
C LEU F 122 57.65 -30.16 -31.05
N GLY F 123 57.07 -30.35 -32.23
CA GLY F 123 57.32 -31.53 -33.02
C GLY F 123 58.68 -31.52 -33.68
N ASN G 4 -9.79 10.16 -22.13
CA ASN G 4 -9.22 10.75 -23.34
C ASN G 4 -9.15 12.26 -23.24
N SER G 5 -10.30 12.92 -23.40
CA SER G 5 -10.39 14.38 -23.34
C SER G 5 -11.48 14.76 -22.36
N PHE G 6 -11.19 15.71 -21.48
CA PHE G 6 -12.16 16.20 -20.51
C PHE G 6 -13.09 17.26 -21.08
N VAL G 7 -12.92 17.66 -22.34
CA VAL G 7 -13.78 18.69 -22.92
C VAL G 7 -15.22 18.21 -22.91
N GLY G 8 -16.12 19.09 -22.49
CA GLY G 8 -17.53 18.78 -22.39
C GLY G 8 -17.99 18.31 -21.04
N LEU G 9 -17.08 17.91 -20.17
CA LEU G 9 -17.44 17.42 -18.84
C LEU G 9 -17.71 18.61 -17.92
N ARG G 10 -18.82 18.53 -17.18
CA ARG G 10 -19.13 19.54 -16.18
C ARG G 10 -18.25 19.34 -14.95
N VAL G 11 -17.92 20.47 -14.30
CA VAL G 11 -16.99 20.47 -13.18
C VAL G 11 -17.38 21.59 -12.22
N VAL G 12 -16.71 21.62 -11.07
CA VAL G 12 -16.69 22.76 -10.17
C VAL G 12 -15.23 23.17 -10.03
N ALA G 13 -14.95 24.46 -10.24
N ALA G 13 -14.95 24.46 -10.26
CA ALA G 13 -13.57 24.93 -10.25
CA ALA G 13 -13.57 24.93 -10.37
C ALA G 13 -13.49 26.34 -9.71
C ALA G 13 -13.33 26.10 -9.43
N LYS G 14 -12.34 26.65 -9.12
N LYS G 14 -12.23 26.00 -8.66
CA LYS G 14 -12.05 27.99 -8.61
CA LYS G 14 -11.83 27.09 -7.78
C LYS G 14 -11.18 28.73 -9.63
C LYS G 14 -11.83 28.39 -8.57
N TRP G 15 -11.43 30.03 -9.76
N TRP G 15 -12.03 29.50 -7.84
CA TRP G 15 -10.74 30.84 -10.76
CA TRP G 15 -12.08 30.88 -8.41
C TRP G 15 -10.08 32.10 -10.22
C TRP G 15 -10.65 31.36 -8.64
N SER G 16 -10.45 32.56 -9.03
N SER G 16 -10.20 32.33 -7.84
CA SER G 16 -9.93 33.80 -8.47
CA SER G 16 -8.83 32.90 -7.91
C SER G 16 -9.21 33.52 -7.16
C SER G 16 -8.36 33.26 -6.50
N SER G 17 -8.86 34.60 -6.45
N SER G 17 -8.58 34.52 -6.11
CA SER G 17 -8.21 34.48 -5.15
CA SER G 17 -8.19 35.04 -4.81
C SER G 17 -9.19 34.32 -4.01
C SER G 17 -9.22 34.72 -3.75
N ASN G 18 -10.49 34.60 -4.24
N ASN G 18 -10.50 34.74 -4.11
CA ASN G 18 -11.48 34.40 -3.19
CA ASN G 18 -11.55 34.41 -3.15
C ASN G 18 -11.50 32.95 -2.72
C ASN G 18 -11.43 32.96 -2.69
N GLY G 19 -11.21 32.02 -3.62
N GLY G 19 -11.25 32.04 -3.63
CA GLY G 19 -11.08 30.63 -3.24
CA GLY G 19 -11.07 30.64 -3.30
C GLY G 19 -12.35 29.83 -3.20
C GLY G 19 -12.33 29.82 -3.25
N TYR G 20 -13.34 30.16 -4.05
CA TYR G 20 -14.59 29.43 -4.09
C TYR G 20 -14.72 28.69 -5.41
N PHE G 21 -15.18 27.43 -5.33
CA PHE G 21 -15.39 26.61 -6.51
C PHE G 21 -16.80 26.83 -7.02
N TYR G 22 -16.94 27.02 -8.33
CA TYR G 22 -18.22 27.33 -8.94
C TYR G 22 -18.53 26.32 -10.04
N SER G 23 -19.82 26.10 -10.27
CA SER G 23 -20.25 25.18 -11.31
C SER G 23 -19.84 25.70 -12.69
N GLY G 24 -19.22 24.83 -13.47
CA GLY G 24 -18.74 25.21 -14.78
C GLY G 24 -18.63 24.02 -15.71
N LYS G 25 -18.01 24.27 -16.86
CA LYS G 25 -17.89 23.25 -17.90
C LYS G 25 -16.60 23.46 -18.66
N ILE G 26 -15.82 22.39 -18.83
CA ILE G 26 -14.56 22.48 -19.57
C ILE G 26 -14.86 22.59 -21.06
N THR G 27 -14.36 23.66 -21.69
CA THR G 27 -14.60 23.92 -23.10
C THR G 27 -13.42 23.51 -23.98
N ARG G 28 -12.23 24.03 -23.69
CA ARG G 28 -11.03 23.74 -24.47
C ARG G 28 -9.95 23.19 -23.55
N ASP G 29 -9.14 22.27 -24.09
CA ASP G 29 -8.04 21.67 -23.36
C ASP G 29 -6.75 22.40 -23.77
N VAL G 30 -6.54 23.57 -23.18
CA VAL G 30 -5.37 24.39 -23.47
C VAL G 30 -4.14 23.71 -22.88
N GLY G 31 -2.98 24.35 -23.02
CA GLY G 31 -1.73 23.79 -22.57
C GLY G 31 -1.40 24.17 -21.14
N ALA G 32 -0.14 23.90 -20.76
CA ALA G 32 0.38 24.23 -19.43
C ALA G 32 -0.48 23.62 -18.32
N GLY G 33 -1.11 22.48 -18.60
CA GLY G 33 -1.95 21.81 -17.63
C GLY G 33 -3.19 22.60 -17.29
N LYS G 34 -3.47 23.64 -18.05
CA LYS G 34 -4.64 24.48 -17.84
C LYS G 34 -5.78 24.05 -18.74
N TYR G 35 -6.96 24.60 -18.48
CA TYR G 35 -8.16 24.29 -19.24
C TYR G 35 -9.02 25.54 -19.43
N LYS G 36 -9.70 25.60 -20.56
CA LYS G 36 -10.71 26.63 -20.80
C LYS G 36 -11.99 26.24 -20.09
N LEU G 37 -12.46 27.10 -19.18
CA LEU G 37 -13.64 26.83 -18.38
CA LEU G 37 -13.65 26.82 -18.39
C LEU G 37 -14.73 27.85 -18.69
N LEU G 38 -15.96 27.35 -18.84
CA LEU G 38 -17.13 28.18 -19.08
C LEU G 38 -18.06 28.02 -17.87
N PHE G 39 -18.06 29.01 -16.99
CA PHE G 39 -18.95 28.96 -15.84
C PHE G 39 -20.40 29.09 -16.27
N ASP G 40 -21.31 28.63 -15.41
CA ASP G 40 -22.72 28.59 -15.76
C ASP G 40 -23.32 29.97 -15.97
N ASP G 41 -22.66 31.03 -15.51
CA ASP G 41 -23.14 32.39 -15.70
C ASP G 41 -22.72 32.98 -17.05
N GLY G 42 -21.94 32.26 -17.84
CA GLY G 42 -21.50 32.72 -19.14
C GLY G 42 -20.06 33.15 -19.20
N TYR G 43 -19.43 33.42 -18.05
CA TYR G 43 -18.03 33.83 -18.06
C TYR G 43 -17.14 32.66 -18.42
N GLU G 44 -16.13 32.93 -19.26
CA GLU G 44 -15.21 31.91 -19.74
C GLU G 44 -13.79 32.40 -19.53
N CYS G 45 -12.94 31.53 -18.98
CA CYS G 45 -11.54 31.87 -18.73
C CYS G 45 -10.75 30.59 -18.55
N ASP G 46 -9.44 30.74 -18.38
CA ASP G 46 -8.54 29.61 -18.19
C ASP G 46 -8.29 29.38 -16.70
N VAL G 47 -8.14 28.11 -16.33
CA VAL G 47 -7.91 27.73 -14.94
C VAL G 47 -6.98 26.53 -14.92
N LEU G 48 -6.14 26.47 -13.88
CA LEU G 48 -5.22 25.35 -13.73
C LEU G 48 -5.97 24.08 -13.33
N GLY G 49 -5.45 22.94 -13.77
CA GLY G 49 -6.09 21.67 -13.45
C GLY G 49 -6.20 21.43 -11.96
N LYS G 50 -5.20 21.85 -11.19
CA LYS G 50 -5.24 21.69 -9.74
C LYS G 50 -6.40 22.46 -9.11
N ASP G 51 -7.03 23.37 -9.85
CA ASP G 51 -8.14 24.17 -9.34
C ASP G 51 -9.49 23.70 -9.87
N ILE G 52 -9.56 22.49 -10.42
CA ILE G 52 -10.77 21.95 -11.02
C ILE G 52 -11.12 20.63 -10.33
N LEU G 53 -12.38 20.49 -9.95
CA LEU G 53 -12.91 19.27 -9.37
C LEU G 53 -13.83 18.67 -10.43
N LEU G 54 -13.52 17.44 -10.85
CA LEU G 54 -14.34 16.77 -11.87
C LEU G 54 -15.51 16.14 -11.13
N CYS G 55 -16.48 17.00 -10.81
CA CYS G 55 -17.70 16.59 -10.11
C CYS G 55 -18.91 16.98 -10.94
N ASP G 56 -19.73 15.99 -11.28
CA ASP G 56 -21.00 16.25 -11.96
C ASP G 56 -21.94 15.07 -11.72
N PRO G 57 -22.83 15.15 -10.73
CA PRO G 57 -23.03 16.26 -9.78
C PRO G 57 -22.05 16.24 -8.62
N ILE G 58 -22.07 17.28 -7.79
CA ILE G 58 -21.32 17.24 -6.54
C ILE G 58 -21.76 16.01 -5.76
N PRO G 59 -20.84 15.16 -5.30
CA PRO G 59 -21.27 13.88 -4.71
C PRO G 59 -22.11 14.07 -3.46
N LEU G 60 -22.93 13.06 -3.19
CA LEU G 60 -23.75 13.07 -1.98
C LEU G 60 -22.88 13.11 -0.74
N ASP G 61 -23.45 13.67 0.34
CA ASP G 61 -22.79 13.82 1.63
C ASP G 61 -21.66 14.84 1.63
N THR G 62 -21.53 15.63 0.56
CA THR G 62 -20.53 16.68 0.53
C THR G 62 -21.04 17.92 1.25
N GLU G 63 -20.18 18.53 2.07
CA GLU G 63 -20.51 19.81 2.68
C GLU G 63 -20.28 20.91 1.66
N VAL G 64 -21.33 21.69 1.39
CA VAL G 64 -21.31 22.70 0.34
C VAL G 64 -21.81 24.02 0.92
N THR G 65 -21.77 25.05 0.08
CA THR G 65 -22.34 26.35 0.38
C THR G 65 -23.50 26.59 -0.58
N ALA G 66 -24.67 26.90 -0.03
CA ALA G 66 -25.89 27.06 -0.82
C ALA G 66 -26.23 28.55 -0.88
N LEU G 67 -26.16 29.12 -2.08
CA LEU G 67 -26.41 30.53 -2.26
C LEU G 67 -27.91 30.83 -2.28
N SER G 68 -28.29 31.93 -1.62
CA SER G 68 -29.62 32.49 -1.74
C SER G 68 -29.49 33.99 -1.53
N GLU G 69 -30.55 34.72 -1.85
CA GLU G 69 -30.48 36.19 -1.82
C GLU G 69 -30.01 36.68 -0.46
N ASP G 70 -28.92 37.46 -0.48
CA ASP G 70 -28.30 38.05 0.71
C ASP G 70 -27.61 37.01 1.59
N GLU G 71 -27.41 35.79 1.10
N GLU G 71 -27.40 35.79 1.10
CA GLU G 71 -26.75 34.73 1.83
CA GLU G 71 -26.72 34.76 1.87
C GLU G 71 -25.54 34.26 1.03
C GLU G 71 -25.55 34.24 1.05
N TYR G 72 -24.35 34.33 1.62
CA TYR G 72 -23.12 33.97 0.93
C TYR G 72 -22.30 32.88 1.62
N PHE G 73 -22.61 32.52 2.87
CA PHE G 73 -21.80 31.58 3.63
C PHE G 73 -22.63 30.51 4.31
N SER G 74 -23.82 30.21 3.78
CA SER G 74 -24.69 29.21 4.39
C SER G 74 -24.24 27.82 3.98
N ALA G 75 -23.79 27.04 4.95
CA ALA G 75 -23.27 25.70 4.71
C ALA G 75 -24.36 24.65 4.87
N GLY G 76 -24.22 23.57 4.10
CA GLY G 76 -25.17 22.46 4.14
C GLY G 76 -24.54 21.22 3.56
N VAL G 77 -25.28 20.13 3.61
CA VAL G 77 -24.82 18.82 3.14
C VAL G 77 -25.72 18.36 2.00
N VAL G 78 -25.12 17.91 0.91
CA VAL G 78 -25.88 17.35 -0.21
C VAL G 78 -26.45 16.00 0.20
N LYS G 79 -27.77 15.85 0.07
CA LYS G 79 -28.44 14.60 0.39
C LYS G 79 -29.27 14.04 -0.75
N GLY G 80 -29.36 14.75 -1.88
CA GLY G 80 -30.16 14.27 -2.98
C GLY G 80 -29.83 15.00 -4.27
N HIS G 81 -30.18 14.36 -5.38
CA HIS G 81 -30.05 14.92 -6.72
C HIS G 81 -31.35 14.68 -7.47
N ARG G 82 -31.76 15.66 -8.26
CA ARG G 82 -32.97 15.54 -9.05
C ARG G 82 -32.77 16.23 -10.38
N LYS G 83 -33.19 15.58 -11.47
CA LYS G 83 -33.20 16.16 -12.79
C LYS G 83 -34.65 16.39 -13.20
N GLU G 84 -34.99 17.65 -13.49
CA GLU G 84 -36.31 18.02 -13.95
C GLU G 84 -36.17 18.94 -15.15
N SER G 85 -36.75 18.54 -16.28
CA SER G 85 -36.73 19.34 -17.50
C SER G 85 -35.29 19.64 -17.93
N GLY G 86 -34.40 18.67 -17.76
CA GLY G 86 -33.03 18.82 -18.18
C GLY G 86 -32.19 19.72 -17.32
N GLU G 87 -32.56 19.93 -16.06
CA GLU G 87 -31.82 20.78 -15.15
C GLU G 87 -31.59 20.04 -13.84
N LEU G 88 -30.40 20.20 -13.28
CA LEU G 88 -30.03 19.53 -12.04
C LEU G 88 -30.43 20.38 -10.84
N TYR G 89 -31.02 19.74 -9.84
CA TYR G 89 -31.34 20.36 -8.56
C TYR G 89 -30.65 19.60 -7.45
N TYR G 90 -30.15 20.33 -6.46
CA TYR G 90 -29.51 19.76 -5.29
C TYR G 90 -30.46 19.83 -4.11
N SER G 91 -30.60 18.72 -3.38
CA SER G 91 -31.27 18.71 -2.10
C SER G 91 -30.21 18.94 -1.02
N ILE G 92 -30.28 20.09 -0.37
CA ILE G 92 -29.29 20.50 0.63
C ILE G 92 -29.93 20.43 2.00
N GLU G 93 -29.25 19.75 2.92
CA GLU G 93 -29.74 19.59 4.29
C GLU G 93 -29.01 20.57 5.20
N LYS G 94 -29.79 21.31 5.99
CA LYS G 94 -29.22 22.21 6.99
C LYS G 94 -30.13 22.19 8.21
N GLU G 95 -29.53 22.02 9.39
CA GLU G 95 -30.26 21.98 10.65
CA GLU G 95 -30.26 21.97 10.65
C GLU G 95 -31.50 21.08 10.55
N GLY G 96 -31.30 19.88 10.02
CA GLY G 96 -32.36 18.89 9.95
C GLY G 96 -33.46 19.16 8.95
N GLN G 97 -33.28 20.13 8.06
CA GLN G 97 -34.27 20.43 7.04
C GLN G 97 -33.59 20.42 5.66
N ARG G 98 -34.34 19.99 4.65
CA ARG G 98 -33.83 19.88 3.30
C ARG G 98 -34.55 20.86 2.39
N LYS G 99 -33.79 21.59 1.58
CA LYS G 99 -34.33 22.54 0.60
C LYS G 99 -33.66 22.30 -0.74
N TRP G 100 -34.42 22.55 -1.80
CA TRP G 100 -33.92 22.35 -3.16
C TRP G 100 -33.21 23.59 -3.67
N TYR G 101 -32.06 23.38 -4.30
CA TYR G 101 -31.27 24.45 -4.89
C TYR G 101 -30.90 24.07 -6.31
N LYS G 102 -30.90 25.07 -7.20
CA LYS G 102 -30.41 24.85 -8.55
C LYS G 102 -28.90 24.67 -8.53
N ARG G 103 -28.41 23.88 -9.49
CA ARG G 103 -26.97 23.60 -9.59
C ARG G 103 -26.15 24.88 -9.46
N MET G 104 -26.56 25.92 -10.19
CA MET G 104 -25.79 27.15 -10.23
CA MET G 104 -25.79 27.16 -10.23
C MET G 104 -25.61 27.76 -8.84
N ALA G 105 -26.51 27.47 -7.91
CA ALA G 105 -26.48 28.10 -6.59
C ALA G 105 -25.65 27.32 -5.57
N VAL G 106 -25.15 26.14 -5.92
CA VAL G 106 -24.38 25.32 -4.98
C VAL G 106 -22.91 25.48 -5.31
N ILE G 107 -22.15 26.02 -4.35
CA ILE G 107 -20.73 26.30 -4.52
C ILE G 107 -19.98 25.70 -3.33
N LEU G 108 -18.65 25.74 -3.41
CA LEU G 108 -17.78 25.20 -2.36
C LEU G 108 -16.75 26.24 -1.97
N SER G 109 -16.59 26.45 -0.67
CA SER G 109 -15.49 27.25 -0.18
C SER G 109 -14.17 26.52 -0.44
N LEU G 110 -13.05 27.18 -0.12
CA LEU G 110 -11.76 26.53 -0.30
C LEU G 110 -11.64 25.30 0.60
N GLU G 111 -11.99 25.44 1.88
CA GLU G 111 -11.96 24.29 2.78
C GLU G 111 -12.87 23.18 2.28
N GLN G 112 -14.10 23.53 1.88
CA GLN G 112 -15.03 22.52 1.38
C GLN G 112 -14.49 21.84 0.13
N GLY G 113 -13.88 22.62 -0.77
CA GLY G 113 -13.36 22.04 -2.00
C GLY G 113 -12.14 21.18 -1.78
N ASN G 114 -11.31 21.51 -0.80
CA ASN G 114 -10.13 20.72 -0.51
C ASN G 114 -10.50 19.31 -0.06
N ARG G 115 -11.64 19.15 0.59
CA ARG G 115 -12.08 17.82 1.01
C ARG G 115 -12.28 16.89 -0.18
N LEU G 116 -12.43 17.44 -1.39
CA LEU G 116 -12.58 16.66 -2.60
C LEU G 116 -11.39 16.75 -3.54
N ARG G 117 -10.42 17.62 -3.25
CA ARG G 117 -9.32 17.85 -4.18
C ARG G 117 -8.53 16.58 -4.44
N GLU G 118 -8.50 15.64 -3.49
CA GLU G 118 -7.70 14.44 -3.65
C GLU G 118 -8.33 13.48 -4.65
N GLN G 119 -9.65 13.25 -4.53
CA GLN G 119 -10.33 12.26 -5.35
C GLN G 119 -10.78 12.81 -6.70
N TYR G 120 -11.14 14.10 -6.78
CA TYR G 120 -11.69 14.68 -8.00
C TYR G 120 -10.81 15.77 -8.61
N GLY G 121 -9.74 16.18 -7.95
CA GLY G 121 -8.89 17.22 -8.50
C GLY G 121 -8.11 16.75 -9.71
N LEU G 122 -7.75 17.72 -10.54
CA LEU G 122 -6.95 17.45 -11.73
C LEU G 122 -5.54 18.00 -11.57
N ASN H 4 -26.77 61.48 1.06
CA ASN H 4 -27.07 60.21 0.39
C ASN H 4 -25.80 59.37 0.24
N SER H 5 -25.97 58.12 -0.21
CA SER H 5 -24.87 57.21 -0.42
C SER H 5 -25.38 56.00 -1.17
N PHE H 6 -24.53 55.45 -2.04
CA PHE H 6 -24.88 54.28 -2.83
C PHE H 6 -24.47 52.97 -2.18
N VAL H 7 -23.76 53.01 -1.06
CA VAL H 7 -23.36 51.78 -0.38
C VAL H 7 -24.59 51.07 0.15
N GLY H 8 -24.64 49.75 -0.05
CA GLY H 8 -25.76 48.94 0.38
C GLY H 8 -26.87 48.77 -0.63
N LEU H 9 -26.85 49.52 -1.73
CA LEU H 9 -27.89 49.42 -2.74
C LEU H 9 -27.57 48.29 -3.71
N ARG H 10 -28.62 47.57 -4.12
CA ARG H 10 -28.46 46.53 -5.12
C ARG H 10 -28.38 47.15 -6.51
N VAL H 11 -27.64 46.48 -7.39
CA VAL H 11 -27.38 46.97 -8.74
C VAL H 11 -27.17 45.78 -9.66
N VAL H 12 -27.06 46.07 -10.95
CA VAL H 12 -26.55 45.13 -11.95
C VAL H 12 -25.36 45.82 -12.60
N ALA H 13 -24.20 45.15 -12.56
N ALA H 13 -24.18 45.19 -12.51
CA ALA H 13 -22.95 45.78 -13.00
CA ALA H 13 -22.93 45.82 -12.91
C ALA H 13 -22.10 44.79 -13.80
C ALA H 13 -22.28 45.04 -14.03
N LYS H 14 -21.22 45.35 -14.61
N LYS H 14 -21.88 45.74 -15.08
CA LYS H 14 -20.27 44.60 -15.42
CA LYS H 14 -21.07 45.12 -16.13
C LYS H 14 -18.86 44.83 -14.88
C LYS H 14 -19.93 44.35 -15.48
N TRP H 15 -18.13 43.74 -14.64
N TRP H 15 -19.64 43.18 -16.03
CA TRP H 15 -16.84 43.82 -13.97
CA TRP H 15 -18.55 42.37 -15.51
C TRP H 15 -15.64 43.52 -14.87
C TRP H 15 -17.27 43.21 -15.59
N SER H 16 -15.78 42.59 -15.82
N SER H 16 -16.37 42.88 -16.50
CA SER H 16 -14.67 42.16 -16.66
CA SER H 16 -15.17 43.70 -16.71
C SER H 16 -14.88 42.60 -18.10
C SER H 16 -14.78 43.67 -18.18
N SER H 17 -14.00 42.12 -18.98
N SER H 17 -14.36 42.49 -18.68
CA SER H 17 -14.15 42.40 -20.41
CA SER H 17 -14.11 42.28 -20.10
C SER H 17 -15.35 41.68 -21.01
C SER H 17 -15.38 41.79 -20.79
N ASN H 18 -15.86 40.62 -20.38
CA ASN H 18 -17.09 40.03 -20.87
C ASN H 18 -18.24 41.01 -20.73
N GLY H 19 -18.98 41.20 -21.82
CA GLY H 19 -20.05 42.18 -21.85
C GLY H 19 -21.36 41.70 -21.27
N TYR H 20 -21.39 41.45 -19.96
CA TYR H 20 -22.63 41.05 -19.28
C TYR H 20 -22.69 41.69 -17.91
N PHE H 21 -23.86 42.23 -17.58
CA PHE H 21 -24.10 42.82 -16.27
C PHE H 21 -24.69 41.76 -15.35
N TYR H 22 -24.18 41.69 -14.12
CA TYR H 22 -24.62 40.70 -13.15
C TYR H 22 -25.14 41.37 -11.89
N SER H 23 -26.10 40.70 -11.24
CA SER H 23 -26.73 41.24 -10.04
C SER H 23 -25.73 41.31 -8.89
N GLY H 24 -25.78 42.42 -8.16
CA GLY H 24 -24.91 42.59 -7.01
C GLY H 24 -25.35 43.76 -6.16
N LYS H 25 -24.43 44.24 -5.31
CA LYS H 25 -24.70 45.38 -4.46
C LYS H 25 -23.41 46.11 -4.14
N ILE H 26 -23.47 47.43 -4.07
CA ILE H 26 -22.30 48.25 -3.76
C ILE H 26 -21.99 48.13 -2.27
N THR H 27 -20.71 47.90 -1.95
CA THR H 27 -20.27 47.79 -0.57
C THR H 27 -19.35 48.91 -0.13
N ARG H 28 -18.62 49.53 -1.05
CA ARG H 28 -17.72 50.63 -0.71
C ARG H 28 -17.69 51.64 -1.85
N ASP H 29 -17.59 52.92 -1.48
CA ASP H 29 -17.28 53.99 -2.43
C ASP H 29 -15.78 54.26 -2.31
N VAL H 30 -15.01 53.76 -3.27
CA VAL H 30 -13.55 53.79 -3.22
C VAL H 30 -13.02 54.98 -4.00
N GLY H 31 -13.88 55.91 -4.36
CA GLY H 31 -13.45 57.07 -5.08
C GLY H 31 -12.90 56.77 -6.45
N ALA H 32 -12.53 57.83 -7.15
CA ALA H 32 -11.97 57.75 -8.50
C ALA H 32 -12.98 57.19 -9.49
N GLY H 33 -14.27 57.40 -9.22
CA GLY H 33 -15.30 56.83 -10.06
C GLY H 33 -15.42 55.33 -9.96
N LYS H 34 -14.88 54.74 -8.89
CA LYS H 34 -14.92 53.29 -8.69
C LYS H 34 -15.73 52.96 -7.44
N TYR H 35 -16.40 51.81 -7.48
CA TYR H 35 -17.14 51.29 -6.34
C TYR H 35 -16.76 49.83 -6.14
N LYS H 36 -16.71 49.40 -4.88
CA LYS H 36 -16.50 47.99 -4.57
C LYS H 36 -17.84 47.27 -4.62
N LEU H 37 -17.90 46.19 -5.39
CA LEU H 37 -19.13 45.46 -5.62
CA LEU H 37 -19.13 45.46 -5.63
C LEU H 37 -19.05 44.05 -5.06
N LEU H 38 -20.18 43.56 -4.58
CA LEU H 38 -20.32 42.18 -4.13
C LEU H 38 -21.39 41.53 -4.99
N PHE H 39 -20.98 40.65 -5.89
CA PHE H 39 -21.93 39.93 -6.71
C PHE H 39 -22.66 38.88 -5.88
N ASP H 40 -23.85 38.52 -6.35
CA ASP H 40 -24.68 37.58 -5.59
C ASP H 40 -24.00 36.23 -5.40
N ASP H 41 -22.98 35.93 -6.20
CA ASP H 41 -22.24 34.68 -6.06
C ASP H 41 -21.13 34.75 -5.01
N GLY H 42 -20.90 35.92 -4.42
CA GLY H 42 -19.91 36.07 -3.38
C GLY H 42 -18.62 36.72 -3.82
N TYR H 43 -18.40 36.87 -5.12
CA TYR H 43 -17.17 37.48 -5.60
C TYR H 43 -17.25 39.00 -5.47
N GLU H 44 -16.12 39.61 -5.12
CA GLU H 44 -16.01 41.05 -4.95
C GLU H 44 -14.90 41.61 -5.82
N CYS H 45 -15.09 42.85 -6.26
CA CYS H 45 -14.06 43.58 -7.00
C CYS H 45 -14.55 44.99 -7.23
N ASP H 46 -13.63 45.86 -7.62
CA ASP H 46 -13.97 47.23 -7.96
C ASP H 46 -14.37 47.32 -9.43
N VAL H 47 -15.32 48.19 -9.72
CA VAL H 47 -15.77 48.43 -11.09
C VAL H 47 -16.08 49.92 -11.26
N LEU H 48 -15.89 50.40 -12.47
CA LEU H 48 -16.17 51.79 -12.77
C LEU H 48 -17.66 52.08 -12.69
N GLY H 49 -18.00 53.29 -12.24
CA GLY H 49 -19.39 53.67 -12.10
C GLY H 49 -20.15 53.57 -13.41
N LYS H 50 -19.50 53.90 -14.52
CA LYS H 50 -20.15 53.79 -15.82
C LYS H 50 -20.62 52.37 -16.10
N ASP H 51 -20.02 51.39 -15.45
CA ASP H 51 -20.36 49.98 -15.63
C ASP H 51 -21.42 49.49 -14.67
N ILE H 52 -22.03 50.39 -13.89
CA ILE H 52 -22.99 50.02 -12.87
C ILE H 52 -24.36 50.57 -13.26
N LEU H 53 -25.37 49.71 -13.22
CA LEU H 53 -26.77 50.10 -13.43
C LEU H 53 -27.48 50.02 -12.09
N LEU H 54 -28.00 51.15 -11.62
CA LEU H 54 -28.67 51.22 -10.32
C LEU H 54 -30.16 50.86 -10.49
N CYS H 55 -30.39 49.57 -10.71
N CYS H 55 -30.43 49.57 -10.67
CA CYS H 55 -31.73 49.00 -10.82
CA CYS H 55 -31.79 49.10 -10.84
C CYS H 55 -31.95 48.03 -9.68
C CYS H 55 -32.06 47.96 -9.85
N ASP H 56 -33.13 48.09 -9.07
CA ASP H 56 -33.48 47.11 -8.06
C ASP H 56 -34.99 47.21 -7.81
N PRO H 57 -35.80 46.38 -8.47
CA PRO H 57 -35.42 45.32 -9.42
C PRO H 57 -35.15 45.86 -10.81
N ILE H 58 -34.75 44.98 -11.72
CA ILE H 58 -34.71 45.35 -13.14
C ILE H 58 -36.13 45.71 -13.57
N PRO H 59 -36.35 46.88 -14.17
CA PRO H 59 -37.72 47.34 -14.41
C PRO H 59 -38.47 46.44 -15.38
N LEU H 60 -39.79 46.53 -15.30
CA LEU H 60 -40.66 45.75 -16.17
C LEU H 60 -40.42 46.12 -17.64
N ASP H 61 -40.66 45.16 -18.52
CA ASP H 61 -40.52 45.30 -19.97
C ASP H 61 -39.08 45.47 -20.41
N THR H 62 -38.12 45.19 -19.53
CA THR H 62 -36.71 45.23 -19.92
C THR H 62 -36.32 43.92 -20.60
N GLU H 63 -35.58 44.03 -21.70
CA GLU H 63 -35.04 42.85 -22.33
C GLU H 63 -33.82 42.36 -21.54
N VAL H 64 -33.83 41.09 -21.16
CA VAL H 64 -32.81 40.52 -20.31
C VAL H 64 -32.34 39.19 -20.91
N THR H 65 -31.32 38.63 -20.28
CA THR H 65 -30.87 37.27 -20.55
C THR H 65 -31.10 36.45 -19.29
N ALA H 66 -31.83 35.35 -19.43
CA ALA H 66 -32.22 34.53 -18.29
C ALA H 66 -31.45 33.21 -18.33
N LEU H 67 -30.64 32.96 -17.30
CA LEU H 67 -29.76 31.82 -17.29
C LEU H 67 -30.48 30.55 -16.83
N SER H 68 -30.20 29.46 -17.52
CA SER H 68 -30.63 28.13 -17.10
C SER H 68 -29.58 27.13 -17.55
N GLU H 69 -29.64 25.92 -17.01
CA GLU H 69 -28.59 24.94 -17.29
C GLU H 69 -28.47 24.71 -18.79
N ASP H 70 -27.25 24.89 -19.30
CA ASP H 70 -26.91 24.72 -20.71
C ASP H 70 -27.52 25.80 -21.60
N GLU H 71 -27.90 26.94 -21.03
CA GLU H 71 -28.41 28.07 -21.81
C GLU H 71 -27.76 29.34 -21.30
N TYR H 72 -27.08 30.06 -22.19
CA TYR H 72 -26.34 31.26 -21.82
C TYR H 72 -26.76 32.51 -22.55
N PHE H 73 -27.58 32.39 -23.61
CA PHE H 73 -27.95 33.54 -24.42
C PHE H 73 -29.47 33.64 -24.60
N SER H 74 -30.24 32.94 -23.78
CA SER H 74 -31.69 32.94 -23.92
C SER H 74 -32.23 34.32 -23.53
N ALA H 75 -32.64 35.09 -24.52
CA ALA H 75 -33.18 36.42 -24.28
C ALA H 75 -34.66 36.35 -23.91
N GLY H 76 -35.11 37.34 -23.15
CA GLY H 76 -36.50 37.42 -22.75
C GLY H 76 -36.81 38.83 -22.28
N VAL H 77 -38.06 39.03 -21.90
CA VAL H 77 -38.55 40.33 -21.44
C VAL H 77 -39.14 40.15 -20.05
N VAL H 78 -38.72 41.00 -19.12
CA VAL H 78 -39.30 41.01 -17.77
C VAL H 78 -40.76 41.44 -17.87
N LYS H 79 -41.65 40.61 -17.36
CA LYS H 79 -43.08 40.90 -17.36
C LYS H 79 -43.69 40.87 -15.97
N GLY H 80 -42.92 40.51 -14.94
CA GLY H 80 -43.48 40.45 -13.61
C GLY H 80 -42.38 40.38 -12.57
N HIS H 81 -42.74 40.75 -11.35
CA HIS H 81 -41.89 40.62 -10.18
C HIS H 81 -42.68 39.92 -9.08
N ARG H 82 -41.99 39.15 -8.25
CA ARG H 82 -42.65 38.46 -7.15
C ARG H 82 -41.66 38.27 -6.01
N LYS H 83 -42.12 38.56 -4.80
CA LYS H 83 -41.38 38.31 -3.57
C LYS H 83 -41.92 37.04 -2.92
N GLU H 84 -41.01 36.12 -2.59
CA GLU H 84 -41.37 34.90 -1.87
C GLU H 84 -40.26 34.63 -0.86
N SER H 85 -40.61 34.72 0.43
CA SER H 85 -39.66 34.45 1.50
C SER H 85 -38.45 35.38 1.41
N GLY H 86 -38.71 36.65 1.12
CA GLY H 86 -37.66 37.64 1.06
C GLY H 86 -36.75 37.55 -0.14
N GLU H 87 -37.09 36.73 -1.12
CA GLU H 87 -36.28 36.57 -2.33
C GLU H 87 -37.04 37.11 -3.54
N LEU H 88 -36.31 37.73 -4.45
CA LEU H 88 -36.89 38.31 -5.65
C LEU H 88 -36.91 37.28 -6.78
N TYR H 89 -38.07 37.15 -7.43
CA TYR H 89 -38.21 36.32 -8.61
C TYR H 89 -38.67 37.18 -9.78
N TYR H 90 -38.15 36.88 -10.97
CA TYR H 90 -38.53 37.57 -12.19
C TYR H 90 -39.38 36.65 -13.04
N SER H 91 -40.42 37.21 -13.65
CA SER H 91 -41.22 36.51 -14.64
C SER H 91 -40.74 36.96 -16.02
N ILE H 92 -40.11 36.05 -16.75
CA ILE H 92 -39.50 36.35 -18.05
C ILE H 92 -40.34 35.72 -19.14
N GLU H 93 -40.72 36.53 -20.13
CA GLU H 93 -41.53 36.07 -21.25
C GLU H 93 -40.63 35.82 -22.45
N LYS H 94 -40.81 34.67 -23.09
CA LYS H 94 -40.06 34.32 -24.29
C LYS H 94 -40.94 33.45 -25.17
N GLU H 95 -41.13 33.87 -26.42
CA GLU H 95 -41.95 33.11 -27.36
C GLU H 95 -43.38 32.96 -26.84
N GLY H 96 -43.89 34.01 -26.22
CA GLY H 96 -45.26 34.01 -25.73
C GLY H 96 -45.50 33.16 -24.51
N GLN H 97 -44.45 32.76 -23.80
CA GLN H 97 -44.57 31.95 -22.60
C GLN H 97 -43.69 32.53 -21.50
N ARG H 98 -44.17 32.49 -20.27
CA ARG H 98 -43.49 33.09 -19.13
C ARG H 98 -42.98 32.01 -18.18
N LYS H 99 -41.78 32.23 -17.66
CA LYS H 99 -41.18 31.35 -16.67
C LYS H 99 -40.56 32.19 -15.57
N TRP H 100 -40.47 31.62 -14.37
CA TRP H 100 -39.93 32.31 -13.21
C TRP H 100 -38.44 32.04 -13.08
N TYR H 101 -37.69 33.09 -12.74
CA TYR H 101 -36.26 33.01 -12.53
C TYR H 101 -35.88 33.75 -11.25
N LYS H 102 -34.93 33.18 -10.51
CA LYS H 102 -34.39 33.89 -9.36
C LYS H 102 -33.56 35.08 -9.82
N ARG H 103 -33.49 36.10 -8.96
CA ARG H 103 -32.78 37.33 -9.29
C ARG H 103 -31.40 37.04 -9.88
N MET H 104 -30.65 36.16 -9.23
CA MET H 104 -29.27 35.96 -9.66
CA MET H 104 -29.27 35.89 -9.64
C MET H 104 -29.16 35.30 -11.03
N ALA H 105 -30.26 34.74 -11.56
CA ALA H 105 -30.24 34.12 -12.88
C ALA H 105 -30.56 35.09 -14.02
N VAL H 106 -30.97 36.31 -13.71
CA VAL H 106 -31.33 37.30 -14.72
C VAL H 106 -30.16 38.25 -14.89
N ILE H 107 -29.59 38.29 -16.10
CA ILE H 107 -28.44 39.13 -16.40
C ILE H 107 -28.75 39.94 -17.66
N LEU H 108 -27.84 40.85 -17.98
CA LEU H 108 -27.99 41.75 -19.12
C LEU H 108 -26.73 41.72 -19.97
N SER H 109 -26.90 41.44 -21.27
CA SER H 109 -25.79 41.57 -22.19
C SER H 109 -25.38 43.04 -22.30
N LEU H 110 -24.27 43.28 -22.99
CA LEU H 110 -23.80 44.65 -23.18
C LEU H 110 -24.87 45.50 -23.86
N GLU H 111 -25.42 45.01 -24.98
CA GLU H 111 -26.47 45.73 -25.67
C GLU H 111 -27.68 45.94 -24.75
N GLN H 112 -28.08 44.89 -24.03
CA GLN H 112 -29.23 45.01 -23.14
C GLN H 112 -28.97 46.03 -22.04
N GLY H 113 -27.74 46.04 -21.50
CA GLY H 113 -27.42 47.00 -20.46
C GLY H 113 -27.36 48.42 -20.96
N ASN H 114 -26.87 48.61 -22.20
CA ASN H 114 -26.77 49.95 -22.75
C ASN H 114 -28.12 50.65 -22.85
N ARG H 115 -29.20 49.87 -23.01
CA ARG H 115 -30.53 50.47 -23.08
C ARG H 115 -30.95 51.10 -21.76
N LEU H 116 -30.34 50.70 -20.65
CA LEU H 116 -30.63 51.29 -19.36
C LEU H 116 -29.54 52.26 -18.88
N ARG H 117 -28.43 52.35 -19.61
CA ARG H 117 -27.29 53.14 -19.14
C ARG H 117 -27.68 54.60 -18.92
N GLU H 118 -28.46 55.17 -19.84
CA GLU H 118 -28.77 56.60 -19.76
C GLU H 118 -29.59 56.92 -18.52
N GLN H 119 -30.53 56.05 -18.15
CA GLN H 119 -31.45 56.33 -17.06
C GLN H 119 -30.95 55.83 -15.71
N TYR H 120 -30.20 54.72 -15.68
CA TYR H 120 -29.80 54.10 -14.44
C TYR H 120 -28.28 54.04 -14.23
N GLY H 121 -27.48 54.38 -15.23
CA GLY H 121 -26.04 54.36 -15.06
C GLY H 121 -25.59 55.35 -14.00
N LEU H 122 -24.38 55.11 -13.50
CA LEU H 122 -23.78 56.00 -12.51
C LEU H 122 -22.74 56.91 -13.17
N SER I 5 -8.97 4.48 32.90
CA SER I 5 -9.07 5.72 32.15
C SER I 5 -7.73 6.07 31.49
N PHE I 6 -7.66 7.25 30.88
CA PHE I 6 -6.46 7.70 30.20
C PHE I 6 -5.44 8.31 31.15
N VAL I 7 -5.70 8.30 32.47
CA VAL I 7 -4.77 8.87 33.43
C VAL I 7 -3.48 8.04 33.43
N GLY I 8 -2.37 8.69 33.12
CA GLY I 8 -1.06 8.05 33.11
C GLY I 8 -0.49 7.78 31.74
N LEU I 9 -1.26 7.96 30.68
CA LEU I 9 -0.77 7.71 29.33
C LEU I 9 -0.10 8.95 28.76
N ARG I 10 0.91 8.73 27.93
CA ARG I 10 1.60 9.82 27.26
C ARG I 10 0.80 10.30 26.05
N VAL I 11 0.90 11.59 25.76
CA VAL I 11 0.21 12.20 24.64
C VAL I 11 1.02 13.38 24.13
N VAL I 12 0.54 14.01 23.06
CA VAL I 12 1.08 15.28 22.58
C VAL I 12 -0.11 16.23 22.46
N ALA I 13 -0.06 17.35 23.21
CA ALA I 13 -1.20 18.22 23.39
C ALA I 13 -0.91 19.63 22.91
N LYS I 14 -1.89 20.23 22.23
CA LYS I 14 -1.73 21.56 21.65
C LYS I 14 -1.55 22.61 22.73
N TRP I 15 -0.79 23.65 22.39
CA TRP I 15 -0.62 24.82 23.23
C TRP I 15 -1.45 25.95 22.66
N SER I 16 -2.24 26.60 23.51
CA SER I 16 -3.23 27.56 23.04
C SER I 16 -2.59 28.71 22.26
N SER I 17 -1.50 29.26 22.79
CA SER I 17 -0.89 30.44 22.18
C SER I 17 -0.34 30.25 20.77
N ASN I 18 0.71 29.45 20.66
CA ASN I 18 1.44 29.17 19.40
C ASN I 18 0.71 28.09 18.58
N GLY I 19 -0.23 27.35 19.18
CA GLY I 19 -0.91 26.29 18.47
C GLY I 19 -0.06 25.09 18.14
N TYR I 20 0.97 24.82 18.93
CA TYR I 20 1.86 23.68 18.72
C TYR I 20 1.53 22.58 19.73
N PHE I 21 1.63 21.33 19.28
CA PHE I 21 1.43 20.18 20.13
C PHE I 21 2.76 19.76 20.76
N TYR I 22 2.75 19.58 22.07
CA TYR I 22 3.97 19.26 22.83
C TYR I 22 3.79 17.95 23.59
N SER I 23 4.89 17.24 23.78
CA SER I 23 4.86 15.96 24.49
C SER I 23 4.48 16.16 25.95
N GLY I 24 3.55 15.34 26.42
CA GLY I 24 3.10 15.43 27.79
C GLY I 24 2.48 14.13 28.25
N LYS I 25 1.78 14.20 29.38
CA LYS I 25 1.20 13.03 30.00
C LYS I 25 -0.04 13.44 30.80
N ILE I 26 -1.11 12.67 30.65
CA ILE I 26 -2.35 12.94 31.38
C ILE I 26 -2.20 12.47 32.82
N THR I 27 -2.48 13.36 33.76
CA THR I 27 -2.35 13.06 35.19
C THR I 27 -3.67 13.01 35.93
N ARG I 28 -4.67 13.79 35.49
CA ARG I 28 -5.96 13.84 36.16
C ARG I 28 -7.06 13.90 35.11
N ASP I 29 -8.29 13.67 35.57
CA ASP I 29 -9.49 13.79 34.73
C ASP I 29 -10.41 14.77 35.45
N VAL I 30 -10.32 16.05 35.08
CA VAL I 30 -11.02 17.09 35.82
C VAL I 30 -12.47 17.22 35.37
N GLY I 31 -12.70 17.23 34.05
CA GLY I 31 -14.04 17.44 33.53
C GLY I 31 -14.42 16.42 32.46
N ALA I 32 -15.59 16.62 31.85
CA ALA I 32 -16.05 15.73 30.79
C ALA I 32 -15.00 15.62 29.69
N GLY I 33 -14.84 16.68 28.91
CA GLY I 33 -13.82 16.70 27.88
C GLY I 33 -12.61 17.51 28.32
N LYS I 34 -12.29 17.48 29.61
CA LYS I 34 -11.19 18.24 30.17
C LYS I 34 -10.28 17.30 30.96
N TYR I 35 -8.97 17.49 30.77
CA TYR I 35 -7.96 16.68 31.45
C TYR I 35 -6.86 17.59 31.98
N LYS I 36 -6.20 17.12 33.04
CA LYS I 36 -5.05 17.82 33.63
C LYS I 36 -3.82 17.01 33.27
N LEU I 37 -3.05 17.50 32.30
CA LEU I 37 -1.88 16.79 31.80
C LEU I 37 -0.61 17.52 32.17
N LEU I 38 0.47 16.76 32.32
CA LEU I 38 1.78 17.28 32.69
C LEU I 38 2.69 17.23 31.46
N PHE I 39 3.09 18.40 30.98
CA PHE I 39 4.05 18.46 29.89
C PHE I 39 5.43 18.01 30.37
N ASP I 40 6.25 17.56 29.43
CA ASP I 40 7.56 17.02 29.77
C ASP I 40 8.46 18.06 30.45
N ASP I 41 8.12 19.35 30.36
CA ASP I 41 8.90 20.39 31.01
C ASP I 41 8.49 20.63 32.45
N GLY I 42 7.50 19.92 32.97
CA GLY I 42 7.07 20.07 34.33
C GLY I 42 5.89 20.99 34.54
N TYR I 43 5.23 21.43 33.47
CA TYR I 43 4.08 22.32 33.57
C TYR I 43 2.80 21.49 33.47
N GLU I 44 1.96 21.58 34.48
CA GLU I 44 0.66 20.90 34.51
C GLU I 44 -0.45 21.94 34.39
N CYS I 45 -1.43 21.63 33.55
CA CYS I 45 -2.56 22.53 33.35
C CYS I 45 -3.72 21.76 32.74
N ASP I 46 -4.87 22.40 32.70
CA ASP I 46 -6.06 21.79 32.12
C ASP I 46 -6.04 21.93 30.60
N VAL I 47 -6.40 20.85 29.92
CA VAL I 47 -6.42 20.81 28.46
C VAL I 47 -7.65 20.03 28.02
N LEU I 48 -8.36 20.57 27.03
CA LEU I 48 -9.55 19.92 26.51
C LEU I 48 -9.18 18.77 25.59
N GLY I 49 -10.00 17.73 25.61
CA GLY I 49 -9.71 16.54 24.82
C GLY I 49 -9.53 16.83 23.34
N LYS I 50 -10.26 17.81 22.81
CA LYS I 50 -10.14 18.15 21.40
C LYS I 50 -8.73 18.58 21.03
N ASP I 51 -7.92 19.00 22.01
CA ASP I 51 -6.56 19.47 21.78
C ASP I 51 -5.53 18.47 22.29
N ILE I 52 -5.84 17.19 22.27
CA ILE I 52 -4.96 16.14 22.76
C ILE I 52 -4.91 15.02 21.73
N LEU I 53 -3.69 14.62 21.35
CA LEU I 53 -3.47 13.51 20.43
C LEU I 53 -2.86 12.36 21.23
N LEU I 54 -3.52 11.20 21.21
CA LEU I 54 -3.05 10.03 21.94
C LEU I 54 -2.02 9.31 21.08
N CYS I 55 -0.78 9.79 21.15
CA CYS I 55 0.34 9.22 20.40
C CYS I 55 1.47 8.93 21.36
N ASP I 56 1.97 7.69 21.33
CA ASP I 56 3.11 7.31 22.14
C ASP I 56 3.76 6.07 21.55
N PRO I 57 4.77 6.21 20.68
CA PRO I 57 5.34 7.48 20.18
C PRO I 57 4.53 8.09 19.04
N ILE I 58 4.97 9.23 18.53
CA ILE I 58 4.39 9.82 17.33
C ILE I 58 4.55 8.80 16.21
N PRO I 59 3.47 8.38 15.55
CA PRO I 59 3.57 7.30 14.57
C PRO I 59 4.65 7.58 13.53
N LEU I 60 5.21 6.49 12.98
CA LEU I 60 6.18 6.60 11.91
C LEU I 60 5.58 7.34 10.71
N ASP I 61 6.46 7.94 9.92
CA ASP I 61 6.12 8.67 8.70
C ASP I 61 5.31 9.93 8.97
N THR I 62 5.19 10.36 10.22
CA THR I 62 4.48 11.58 10.55
C THR I 62 5.39 12.78 10.35
N GLU I 63 4.88 13.83 9.69
CA GLU I 63 5.64 15.05 9.54
C GLU I 63 5.62 15.83 10.85
N VAL I 64 6.79 16.20 11.34
CA VAL I 64 6.95 16.80 12.65
C VAL I 64 7.85 18.02 12.54
N THR I 65 7.97 18.73 13.66
CA THR I 65 8.92 19.83 13.80
C THR I 65 9.96 19.41 14.85
N ALA I 66 11.23 19.45 14.47
CA ALA I 66 12.31 18.98 15.32
C ALA I 66 13.06 20.18 15.89
N LEU I 67 13.02 20.33 17.21
CA LEU I 67 13.63 21.48 17.86
C LEU I 67 15.12 21.27 18.06
N SER I 68 15.89 22.32 17.81
CA SER I 68 17.30 22.38 18.14
C SER I 68 17.65 23.83 18.42
N GLU I 69 18.81 24.05 19.02
CA GLU I 69 19.16 25.39 19.47
C GLU I 69 19.10 26.38 18.31
N ASP I 70 18.30 27.43 18.49
CA ASP I 70 18.10 28.49 17.50
C ASP I 70 17.31 28.01 16.28
N GLU I 71 16.60 26.89 16.39
CA GLU I 71 15.76 26.37 15.31
C GLU I 71 14.40 26.01 15.90
N TYR I 72 13.35 26.69 15.43
CA TYR I 72 12.01 26.52 15.96
C TYR I 72 11.01 25.95 14.97
N PHE I 73 11.32 25.96 13.66
CA PHE I 73 10.37 25.55 12.64
C PHE I 73 10.99 24.58 11.64
N SER I 74 11.97 23.79 12.08
CA SER I 74 12.61 22.80 11.21
C SER I 74 11.71 21.58 11.11
N ALA I 75 11.20 21.32 9.90
CA ALA I 75 10.27 20.23 9.67
C ALA I 75 10.99 18.98 9.17
N GLY I 76 10.47 17.82 9.55
CA GLY I 76 11.03 16.55 9.15
C GLY I 76 9.99 15.45 9.25
N VAL I 77 10.42 14.23 8.92
CA VAL I 77 9.54 13.08 8.88
C VAL I 77 10.10 12.01 9.82
N VAL I 78 9.22 11.47 10.67
CA VAL I 78 9.62 10.41 11.59
C VAL I 78 9.89 9.14 10.79
N LYS I 79 11.12 8.65 10.84
CA LYS I 79 11.51 7.44 10.13
C LYS I 79 11.97 6.31 11.04
N GLY I 80 12.04 6.54 12.35
CA GLY I 80 12.48 5.49 13.25
C GLY I 80 12.25 5.87 14.70
N HIS I 81 12.21 4.84 15.54
CA HIS I 81 12.09 4.99 16.99
C HIS I 81 13.14 4.12 17.65
N ARG I 82 13.66 4.60 18.79
CA ARG I 82 14.66 3.84 19.53
C ARG I 82 14.48 4.09 21.02
N LYS I 83 14.56 3.02 21.81
N LYS I 83 14.53 3.02 21.81
CA LYS I 83 14.47 3.08 23.27
CA LYS I 83 14.48 3.10 23.27
C LYS I 83 15.88 2.84 23.82
C LYS I 83 15.88 2.84 23.79
N GLU I 84 16.49 3.87 24.37
CA GLU I 84 17.85 3.79 24.90
C GLU I 84 17.83 4.24 26.35
N SER I 85 18.18 3.32 27.26
CA SER I 85 18.30 3.63 28.68
C SER I 85 17.02 4.30 29.21
N GLY I 86 15.88 3.77 28.80
CA GLY I 86 14.60 4.27 29.28
C GLY I 86 14.12 5.54 28.62
N GLU I 87 14.79 6.02 27.58
CA GLU I 87 14.43 7.26 26.91
C GLU I 87 14.14 6.99 25.44
N LEU I 88 13.11 7.66 24.93
CA LEU I 88 12.72 7.52 23.53
C LEU I 88 13.48 8.50 22.66
N TYR I 89 13.95 8.00 21.51
CA TYR I 89 14.60 8.83 20.50
C TYR I 89 13.86 8.67 19.18
N TYR I 90 13.59 9.79 18.52
CA TYR I 90 13.03 9.79 17.18
C TYR I 90 14.14 9.95 16.15
N SER I 91 14.05 9.19 15.07
CA SER I 91 14.95 9.36 13.93
C SER I 91 14.20 10.21 12.91
N ILE I 92 14.58 11.48 12.80
CA ILE I 92 13.89 12.43 11.94
C ILE I 92 14.68 12.59 10.66
N GLU I 93 14.01 12.45 9.52
CA GLU I 93 14.63 12.56 8.22
C GLU I 93 14.31 13.92 7.62
N LYS I 94 15.35 14.60 7.13
CA LYS I 94 15.18 15.89 6.46
C LYS I 94 16.24 16.00 5.37
N GLU I 95 15.79 16.05 4.11
CA GLU I 95 16.68 16.19 2.97
C GLU I 95 17.62 14.99 2.86
N GLY I 96 17.04 13.79 2.99
CA GLY I 96 17.79 12.56 2.83
C GLY I 96 18.66 12.18 4.01
N GLN I 97 18.91 13.10 4.94
CA GLN I 97 19.72 12.81 6.12
C GLN I 97 18.80 12.56 7.33
N ARG I 98 19.23 11.66 8.20
CA ARG I 98 18.48 11.31 9.39
C ARG I 98 19.30 11.65 10.63
N LYS I 99 18.66 12.37 11.56
CA LYS I 99 19.26 12.71 12.84
C LYS I 99 18.36 12.24 13.97
N TRP I 100 18.98 11.94 15.11
CA TRP I 100 18.25 11.48 16.28
C TRP I 100 17.86 12.66 17.17
N TYR I 101 16.63 12.63 17.68
CA TYR I 101 16.13 13.64 18.57
C TYR I 101 15.46 12.98 19.77
N LYS I 102 15.69 13.54 20.96
CA LYS I 102 14.94 13.11 22.11
C LYS I 102 13.45 13.43 21.92
N ARG I 103 12.59 12.57 22.48
CA ARG I 103 11.15 12.77 22.41
C ARG I 103 10.80 14.22 22.69
N MET I 104 11.41 14.78 23.73
CA MET I 104 11.08 16.11 24.19
C MET I 104 11.18 17.16 23.09
N ALA I 105 12.04 16.93 22.10
CA ALA I 105 12.32 17.93 21.08
C ALA I 105 11.47 17.78 19.82
N VAL I 106 10.60 16.78 19.76
CA VAL I 106 9.76 16.54 18.59
C VAL I 106 8.36 17.06 18.88
N ILE I 107 7.94 18.08 18.13
CA ILE I 107 6.66 18.74 18.33
C ILE I 107 5.92 18.78 17.00
N LEU I 108 4.68 19.27 17.04
CA LEU I 108 3.83 19.37 15.87
C LEU I 108 3.22 20.75 15.79
N SER I 109 3.28 21.36 14.61
CA SER I 109 2.53 22.57 14.36
C SER I 109 1.04 22.25 14.30
N LEU I 110 0.21 23.30 14.33
CA LEU I 110 -1.23 23.10 14.23
C LEU I 110 -1.58 22.28 12.99
N GLU I 111 -0.98 22.62 11.86
CA GLU I 111 -1.23 21.86 10.62
C GLU I 111 -0.79 20.41 10.78
N GLN I 112 0.45 20.19 11.22
CA GLN I 112 0.96 18.83 11.35
C GLN I 112 0.12 18.02 12.33
N GLY I 113 -0.36 18.66 13.41
CA GLY I 113 -1.18 17.95 14.37
C GLY I 113 -2.55 17.57 13.85
N ASN I 114 -3.14 18.43 13.02
CA ASN I 114 -4.46 18.12 12.46
C ASN I 114 -4.44 16.87 11.61
N ARG I 115 -3.32 16.58 10.95
CA ARG I 115 -3.24 15.41 10.07
C ARG I 115 -3.43 14.11 10.83
N LEU I 116 -3.32 14.12 12.16
CA LEU I 116 -3.54 12.93 12.98
C LEU I 116 -4.69 13.10 13.96
N ARG I 117 -5.40 14.23 13.93
CA ARG I 117 -6.46 14.46 14.90
C ARG I 117 -7.62 13.48 14.73
N GLU I 118 -7.86 13.02 13.50
CA GLU I 118 -8.99 12.13 13.27
C GLU I 118 -8.76 10.76 13.88
N GLN I 119 -7.54 10.25 13.82
CA GLN I 119 -7.25 8.90 14.31
C GLN I 119 -6.80 8.88 15.76
N TYR I 120 -6.21 9.96 16.26
CA TYR I 120 -5.70 9.99 17.62
C TYR I 120 -6.31 11.08 18.49
N GLY I 121 -7.06 12.01 17.91
CA GLY I 121 -7.62 13.09 18.71
C GLY I 121 -8.70 12.61 19.66
N LEU I 122 -8.81 13.30 20.78
CA LEU I 122 -9.84 13.00 21.77
C LEU I 122 -10.99 14.01 21.65
N MET J 3 27.02 46.70 25.83
CA MET J 3 25.73 46.33 25.26
C MET J 3 24.62 46.45 26.30
N ASN J 4 24.01 47.64 26.38
CA ASN J 4 22.94 47.86 27.34
C ASN J 4 21.67 47.11 26.95
N SER J 5 21.32 47.16 25.66
CA SER J 5 20.12 46.46 25.20
C SER J 5 20.27 44.95 25.40
N PHE J 6 19.19 44.32 25.85
CA PHE J 6 19.18 42.89 26.11
C PHE J 6 18.57 42.08 24.98
N VAL J 7 18.18 42.73 23.87
CA VAL J 7 17.56 42.01 22.77
C VAL J 7 18.56 41.02 22.19
N GLY J 8 18.12 39.78 21.99
CA GLY J 8 18.96 38.75 21.44
C GLY J 8 19.77 37.97 22.45
N LEU J 9 19.79 38.39 23.71
CA LEU J 9 20.55 37.68 24.74
C LEU J 9 19.75 36.50 25.28
N ARG J 10 20.44 35.39 25.49
CA ARG J 10 19.79 34.21 26.05
C ARG J 10 19.69 34.32 27.56
N VAL J 11 18.61 33.79 28.11
CA VAL J 11 18.33 33.89 29.53
C VAL J 11 17.63 32.62 30.01
N VAL J 12 17.35 32.56 31.31
CA VAL J 12 16.45 31.59 31.89
C VAL J 12 15.41 32.37 32.68
N ALA J 13 14.12 32.13 32.41
N ALA J 13 14.13 32.16 32.38
CA ALA J 13 13.05 32.92 32.98
CA ALA J 13 13.07 32.99 32.92
C ALA J 13 12.00 32.04 33.64
C ALA J 13 11.88 32.13 33.33
N LYS J 14 11.48 32.49 34.77
N LYS J 14 11.12 32.64 34.28
CA LYS J 14 10.49 31.75 35.53
CA LYS J 14 9.89 32.02 34.75
C LYS J 14 9.20 31.60 34.73
C LYS J 14 8.71 32.88 34.33
N TRP J 15 8.35 30.67 35.17
N TRP J 15 7.75 32.27 33.64
CA TRP J 15 7.08 30.41 34.52
CA TRP J 15 6.59 32.98 33.13
C TRP J 15 5.87 30.75 35.38
C TRP J 15 5.30 32.68 33.89
N SER J 16 6.02 30.85 36.71
N SER J 16 5.31 31.67 34.75
CA SER J 16 4.97 31.28 37.62
CA SER J 16 4.12 31.27 35.50
C SER J 16 4.04 30.13 38.01
C SER J 16 4.18 31.82 36.92
N SER J 17 3.39 29.50 37.04
N SER J 17 3.24 31.38 37.77
CA SER J 17 2.45 28.42 37.34
CA SER J 17 3.20 31.85 39.15
C SER J 17 3.18 27.28 38.05
C SER J 17 4.25 31.13 40.00
N ASN J 18 3.78 26.36 37.28
N ASN J 18 4.08 29.83 40.19
CA ASN J 18 4.64 25.35 37.89
CA ASN J 18 5.07 29.00 40.88
C ASN J 18 5.80 26.01 38.64
C ASN J 18 5.81 28.16 39.83
N GLY J 19 6.33 27.09 38.08
N GLY J 19 6.58 28.86 39.00
CA GLY J 19 7.34 27.88 38.75
CA GLY J 19 7.13 28.29 37.78
C GLY J 19 8.77 27.57 38.40
C GLY J 19 8.62 28.06 37.84
N TYR J 20 9.05 26.94 37.26
CA TYR J 20 10.44 26.68 36.90
C TYR J 20 10.96 27.82 36.02
N PHE J 21 12.28 27.96 35.98
CA PHE J 21 12.93 28.85 35.03
C PHE J 21 13.34 28.06 33.81
N TYR J 22 13.01 28.56 32.63
CA TYR J 22 13.25 27.86 31.37
C TYR J 22 14.16 28.66 30.46
N SER J 23 14.98 27.94 29.70
CA SER J 23 15.90 28.57 28.75
C SER J 23 15.13 29.35 27.69
N GLY J 24 15.54 30.59 27.46
CA GLY J 24 14.88 31.44 26.50
C GLY J 24 15.77 32.53 25.92
N LYS J 25 15.16 33.52 25.26
CA LYS J 25 15.91 34.55 24.56
C LYS J 25 15.07 35.81 24.51
N ILE J 26 15.61 36.93 25.00
CA ILE J 26 14.89 38.20 24.96
C ILE J 26 14.78 38.66 23.53
N THR J 27 13.56 38.97 23.08
CA THR J 27 13.30 39.40 21.73
C THR J 27 12.89 40.87 21.61
N ARG J 28 12.48 41.51 22.70
CA ARG J 28 12.06 42.90 22.62
C ARG J 28 11.79 43.43 24.02
N ASP J 29 12.04 44.73 24.20
CA ASP J 29 11.70 45.43 25.43
C ASP J 29 10.32 46.05 25.26
N VAL J 30 9.37 45.62 26.09
CA VAL J 30 7.99 46.06 25.99
C VAL J 30 7.62 47.02 27.11
N GLY J 31 8.61 47.66 27.73
CA GLY J 31 8.34 48.62 28.79
C GLY J 31 7.61 48.02 29.97
N ALA J 32 7.26 48.85 30.95
CA ALA J 32 6.57 48.40 32.15
C ALA J 32 7.37 47.33 32.89
N GLY J 33 8.69 47.36 32.73
CA GLY J 33 9.54 46.37 33.37
C GLY J 33 9.40 44.97 32.83
N LYS J 34 8.74 44.79 31.68
CA LYS J 34 8.54 43.48 31.08
C LYS J 34 9.39 43.35 29.81
N TYR J 35 9.67 42.11 29.45
CA TYR J 35 10.39 41.78 28.24
C TYR J 35 9.66 40.67 27.50
N LYS J 36 9.62 40.78 26.17
CA LYS J 36 9.09 39.71 25.34
C LYS J 36 10.14 38.61 25.25
N LEU J 37 9.79 37.41 25.67
N LEU J 37 9.79 37.42 25.70
CA LEU J 37 10.71 36.29 25.77
CA LEU J 37 10.72 36.29 25.75
C LEU J 37 10.27 35.16 24.85
C LEU J 37 10.27 35.20 24.80
N LEU J 38 11.23 34.60 24.10
CA LEU J 38 10.99 33.47 23.23
C LEU J 38 11.68 32.25 23.84
N PHE J 39 10.88 31.30 24.33
CA PHE J 39 11.45 30.09 24.91
C PHE J 39 11.91 29.15 23.80
N ASP J 40 12.84 28.27 24.18
CA ASP J 40 13.45 27.36 23.20
C ASP J 40 12.41 26.46 22.54
N ASP J 41 11.28 26.22 23.19
CA ASP J 41 10.23 25.38 22.60
C ASP J 41 9.36 26.13 21.60
N GLY J 42 9.56 27.45 21.45
CA GLY J 42 8.84 28.25 20.49
C GLY J 42 7.79 29.17 21.10
N TYR J 43 7.40 28.94 22.34
CA TYR J 43 6.37 29.77 22.95
C TYR J 43 6.95 31.14 23.29
N GLU J 44 6.20 32.20 22.96
CA GLU J 44 6.65 33.57 23.17
C GLU J 44 5.60 34.32 23.96
N CYS J 45 6.05 35.06 24.98
CA CYS J 45 5.16 35.86 25.80
C CYS J 45 5.97 36.86 26.60
N ASP J 46 5.26 37.76 27.27
CA ASP J 46 5.89 38.80 28.09
C ASP J 46 6.16 38.26 29.49
N VAL J 47 7.28 38.68 30.07
CA VAL J 47 7.71 38.21 31.38
C VAL J 47 8.30 39.39 32.15
N LEU J 48 8.06 39.42 33.46
CA LEU J 48 8.63 40.46 34.29
C LEU J 48 10.14 40.30 34.38
N GLY J 49 10.85 41.44 34.31
CA GLY J 49 12.29 41.40 34.45
C GLY J 49 12.75 40.71 35.71
N LYS J 50 11.97 40.85 36.80
CA LYS J 50 12.35 40.21 38.06
C LYS J 50 12.48 38.71 37.90
N ASP J 51 11.75 38.12 36.96
CA ASP J 51 11.74 36.67 36.77
C ASP J 51 12.64 36.21 35.63
N ILE J 52 13.63 37.02 35.26
CA ILE J 52 14.55 36.71 34.16
C ILE J 52 15.96 36.67 34.72
N LEU J 53 16.63 35.53 34.55
CA LEU J 53 18.02 35.36 34.94
C LEU J 53 18.89 35.45 33.69
N LEU J 54 19.78 36.44 33.66
CA LEU J 54 20.67 36.66 32.52
C LEU J 54 21.84 35.69 32.61
N CYS J 55 21.54 34.42 32.39
CA CYS J 55 22.51 33.34 32.46
C CYS J 55 22.68 32.70 31.08
N ASP J 56 23.89 32.78 30.53
CA ASP J 56 24.21 32.10 29.27
C ASP J 56 25.70 31.79 29.28
N PRO J 57 26.08 30.58 29.70
CA PRO J 57 25.27 29.46 30.18
C PRO J 57 24.98 29.53 31.67
N ILE J 58 24.22 28.56 32.17
CA ILE J 58 24.04 28.44 33.63
C ILE J 58 25.40 28.14 34.25
N PRO J 59 25.82 28.86 35.31
CA PRO J 59 27.20 28.73 35.78
C PRO J 59 27.51 27.32 36.29
N LEU J 60 28.79 26.99 36.26
CA LEU J 60 29.26 25.74 36.85
C LEU J 60 28.93 25.71 38.33
N ASP J 61 28.73 24.50 38.85
CA ASP J 61 28.41 24.24 40.25
C ASP J 61 27.02 24.72 40.64
N THR J 62 26.19 25.12 39.67
CA THR J 62 24.82 25.49 39.97
C THR J 62 23.97 24.23 40.15
N GLU J 63 23.09 24.25 41.15
CA GLU J 63 22.10 23.20 41.29
C GLU J 63 20.94 23.46 40.34
N VAL J 64 20.63 22.47 39.50
CA VAL J 64 19.64 22.62 38.45
C VAL J 64 18.72 21.40 38.46
N THR J 65 17.68 21.49 37.65
CA THR J 65 16.78 20.37 37.38
C THR J 65 17.00 19.95 35.94
N ALA J 66 17.52 18.74 35.74
CA ALA J 66 17.86 18.23 34.41
C ALA J 66 16.78 17.25 33.97
N LEU J 67 16.09 17.60 32.88
CA LEU J 67 14.96 16.81 32.42
C LEU J 67 15.41 15.57 31.67
N SER J 68 14.71 14.47 31.91
CA SER J 68 14.93 13.23 31.17
C SER J 68 13.70 12.35 31.37
N GLU J 69 13.51 11.42 30.43
CA GLU J 69 12.32 10.57 30.47
C GLU J 69 12.41 9.54 31.59
N ASP J 70 13.61 9.07 31.92
CA ASP J 70 13.79 8.05 32.95
C ASP J 70 13.99 8.63 34.35
N GLU J 71 13.95 9.95 34.50
CA GLU J 71 14.03 10.60 35.79
C GLU J 71 12.89 11.60 35.92
N TYR J 72 12.41 11.79 37.14
CA TYR J 72 11.29 12.69 37.41
C TYR J 72 11.85 13.99 37.97
N PHE J 73 12.25 14.89 37.08
CA PHE J 73 12.66 16.24 37.45
C PHE J 73 13.63 16.22 38.63
N SER J 74 14.64 15.37 38.52
CA SER J 74 15.62 15.21 39.60
C SER J 74 16.68 16.31 39.52
N ALA J 75 17.21 16.66 40.67
CA ALA J 75 18.20 17.73 40.76
C ALA J 75 19.60 17.22 40.46
N GLY J 76 20.46 18.13 40.04
CA GLY J 76 21.84 17.82 39.78
C GLY J 76 22.69 19.07 39.88
N VAL J 77 23.98 18.90 39.68
CA VAL J 77 24.95 19.99 39.73
C VAL J 77 25.63 20.10 38.38
N VAL J 78 25.69 21.32 37.85
CA VAL J 78 26.40 21.56 36.59
C VAL J 78 27.90 21.38 36.86
N LYS J 79 28.52 20.48 36.10
CA LYS J 79 29.94 20.21 36.24
C LYS J 79 30.71 20.45 34.94
N GLY J 80 30.03 20.77 33.84
CA GLY J 80 30.72 21.03 32.59
C GLY J 80 29.83 21.68 31.55
N HIS J 81 30.49 22.39 30.61
CA HIS J 81 29.84 22.96 29.44
C HIS J 81 30.55 22.45 28.20
N ARG J 82 29.79 22.25 27.13
CA ARG J 82 30.39 21.79 25.89
C ARG J 82 29.63 22.37 24.71
N LYS J 83 30.36 23.01 23.80
CA LYS J 83 29.82 23.43 22.53
C LYS J 83 30.05 22.34 21.50
N GLU J 84 29.03 22.04 20.71
CA GLU J 84 29.13 21.02 19.68
C GLU J 84 28.19 21.40 18.55
N SER J 85 28.75 21.76 17.39
CA SER J 85 27.97 22.14 16.22
C SER J 85 27.02 23.29 16.55
N GLY J 86 27.52 24.28 17.29
CA GLY J 86 26.75 25.45 17.64
C GLY J 86 25.70 25.24 18.71
N GLU J 87 25.70 24.11 19.40
CA GLU J 87 24.70 23.82 20.42
C GLU J 87 25.38 23.64 21.77
N LEU J 88 24.71 24.12 22.82
CA LEU J 88 25.24 24.02 24.17
C LEU J 88 24.78 22.72 24.83
N TYR J 89 25.71 22.05 25.48
CA TYR J 89 25.44 20.86 26.26
C TYR J 89 25.92 21.06 27.69
N TYR J 90 25.11 20.62 28.65
CA TYR J 90 25.46 20.67 30.06
C TYR J 90 25.85 19.28 30.53
N SER J 91 26.90 19.21 31.35
CA SER J 91 27.28 18.00 32.05
C SER J 91 26.77 18.12 33.48
N ILE J 92 25.78 17.28 33.83
CA ILE J 92 25.10 17.36 35.13
C ILE J 92 25.44 16.11 35.92
N GLU J 93 25.89 16.30 37.15
CA GLU J 93 26.26 15.20 38.04
C GLU J 93 25.09 14.89 38.97
N LYS J 94 24.67 13.62 38.95
CA LYS J 94 23.62 13.12 39.85
C LYS J 94 24.13 11.85 40.50
N GLU J 95 24.13 11.82 41.83
CA GLU J 95 24.57 10.64 42.58
C GLU J 95 25.94 10.16 42.10
N GLY J 96 26.84 11.10 41.87
CA GLY J 96 28.21 10.78 41.49
C GLY J 96 28.40 10.41 40.04
N GLN J 97 27.35 10.42 39.22
CA GLN J 97 27.45 10.10 37.80
C GLN J 97 27.10 11.35 36.98
N ARG J 98 27.86 11.57 35.91
CA ARG J 98 27.66 12.71 35.04
C ARG J 98 27.02 12.25 33.73
N LYS J 99 26.06 13.03 33.25
CA LYS J 99 25.38 12.77 31.99
C LYS J 99 25.23 14.09 31.24
N TRP J 100 25.12 13.98 29.92
CA TRP J 100 25.02 15.16 29.07
C TRP J 100 23.56 15.50 28.79
N TYR J 101 23.25 16.80 28.83
CA TYR J 101 21.92 17.30 28.54
C TYR J 101 22.03 18.49 27.61
N LYS J 102 21.11 18.59 26.66
CA LYS J 102 21.03 19.78 25.83
C LYS J 102 20.51 20.96 26.66
N ARG J 103 20.84 22.16 26.20
CA ARG J 103 20.45 23.38 26.91
C ARG J 103 18.98 23.34 27.31
N MET J 104 18.11 22.93 26.39
CA MET J 104 16.67 23.00 26.62
C MET J 104 16.22 22.12 27.77
N ALA J 105 16.97 21.08 28.12
CA ALA J 105 16.56 20.13 29.14
C ALA J 105 17.02 20.51 30.54
N VAL J 106 17.72 21.63 30.71
CA VAL J 106 18.20 22.07 32.01
C VAL J 106 17.38 23.27 32.44
N ILE J 107 16.65 23.11 33.55
CA ILE J 107 15.77 24.14 34.07
C ILE J 107 16.09 24.35 35.55
N LEU J 108 15.49 25.39 36.13
CA LEU J 108 15.69 25.71 37.54
C LEU J 108 14.34 25.81 38.23
N SER J 109 14.22 25.14 39.36
CA SER J 109 13.07 25.36 40.23
C SER J 109 13.13 26.77 40.80
N LEU J 110 12.04 27.17 41.45
CA LEU J 110 12.01 28.49 42.10
C LEU J 110 13.14 28.63 43.10
N GLU J 111 13.35 27.60 43.94
CA GLU J 111 14.43 27.65 44.92
C GLU J 111 15.78 27.70 44.22
N GLN J 112 15.98 26.88 43.19
CA GLN J 112 17.24 26.88 42.46
C GLN J 112 17.47 28.19 41.72
N GLY J 113 16.39 28.84 41.28
CA GLY J 113 16.53 30.11 40.59
C GLY J 113 16.76 31.28 41.51
N ASN J 114 16.18 31.25 42.71
CA ASN J 114 16.36 32.36 43.64
C ASN J 114 17.82 32.50 44.07
N ARG J 115 18.58 31.40 44.04
CA ARG J 115 20.00 31.48 44.36
C ARG J 115 20.76 32.31 43.34
N LEU J 116 20.26 32.42 42.11
CA LEU J 116 20.89 33.21 41.07
C LEU J 116 20.22 34.58 40.88
N ARG J 117 19.06 34.80 41.48
CA ARG J 117 18.34 36.07 41.30
C ARG J 117 19.22 37.27 41.63
N GLU J 118 19.95 37.20 42.75
CA GLU J 118 20.73 38.34 43.19
C GLU J 118 21.78 38.74 42.17
N GLN J 119 22.51 37.76 41.62
CA GLN J 119 23.62 38.06 40.73
C GLN J 119 23.21 38.22 39.28
N TYR J 120 22.17 37.51 38.83
CA TYR J 120 21.78 37.52 37.43
C TYR J 120 20.37 38.05 37.20
N GLY J 121 19.64 38.38 38.25
CA GLY J 121 18.26 38.82 38.07
C GLY J 121 18.18 40.09 37.23
N LEU J 122 17.03 40.26 36.58
CA LEU J 122 16.77 41.41 35.73
C LEU J 122 17.64 41.36 34.47
#